data_3LZJ
#
_entry.id   3LZJ
#
_cell.length_a   76.394
_cell.length_b   121.089
_cell.length_c   122.857
_cell.angle_alpha   90.00
_cell.angle_beta   90.00
_cell.angle_gamma   90.00
#
_symmetry.space_group_name_H-M   'P 21 21 21'
#
loop_
_entity.id
_entity.type
_entity.pdbx_description
1 polymer 'DNA polymerase'
2 polymer "DNA (5'-D(P*TP*CP*AP*(8OG)P*GP*TP*AP*AP*GP*CP*AP*GP*TP*CP*CP*GP*CP*G)-3')"
3 polymer "DNA (5'-D(*GP*CP*GP*GP*AP*CP*TP*GP*CP*TP*TP*AP*(DOC))-3')"
4 non-polymer "CYTIDINE-5'-TRIPHOSPHATE"
5 non-polymer 'CALCIUM ION'
6 water water
#
loop_
_entity_poly.entity_id
_entity_poly.type
_entity_poly.pdbx_seq_one_letter_code
_entity_poly.pdbx_strand_id
1 'polypeptide(L)'
;MKEFYLTVEQIGDSIFERYIDSNGRERTREVEYKPSLFAHCPESQATKYFDIYGKPCTRKLFANMRDASQWIKRMEDIGL
EALGMDDFKLAYLSDTYNYEIKYDHTKIRVANFDIEVTSPDGFPEPSQAKHPIDAITHYDSIDDRFYVFDLLNSPYGNVE
EWSIEIAAKLQEQGGDEVPSEIIDKIIYMPFDNEKELLMEYLNFWQQKTPVILTGWNVESFAIPYVYNRIKNIFGESTAK
RLSPHRKTRVKVIENMYGSREIITLFGISVLDYIDLYKKFSFTNQPSYSLDYISEFELNVGKLKYDGPISKLRESNHQRY
ISYNIIAVYRVLQIDAKRQFINLSLDMGYYAKIQIQSVFSPIKTWDAIIFNSLKEQNKVIPQGRSHPVQPYPGAFVKEPI
PNRYKYVMSFDLTSLYPSIIRQVNISPETIAGTFKVAPLHDYINAVAERPSDVYSCSPNGMMYYKDRDGVVPTEITKVFN
QRKEHKGYMLAAQRNGEIIKEALHNPNLSVDEPLDVDYRFDFSDEIKEKIKKLSAKSLNEMLFRAQRTEVAGMTAQINRK
LLINSLAGALGNVWFRYYDLRNATAITTFGQMALQWIERKVNEYLNEVCGTEGEAFVLYGDTDSIYVSADKIIDKVGESK
FRDTNHWVDFLDKFARERMEPAIDRGFREMCEYMNNKQHLMFMDREAIAGPPLGSKGIGGFWTGKKRYALNVWDMEGTRY
AEPKLKIMGLETQKSSTPKAVQKALKECIRRMLQEGEESLQEYFKEFEKEFRQLNYISIASVSSANNIAKYDVGGFPGPK
CPFHIRGILTYNRAIKGNIDAPQVVEGEKVYVLPLREGNPFGDKCIAWPSGTEITDLIKDDVLHWMDYTVLLEKTFIKPL
EGFTSAAKLDYEKKASLFDMFDF
;
A
2 'polydeoxyribonucleotide' (DT)(DC)(DA)(8OG)(DG)(DT)(DA)(DA)(DG)(DC)(DA)(DG)(DT)(DC)(DC)(DG)(DC)(DG) T
3 'polydeoxyribonucleotide' (DG)(DC)(DG)(DG)(DA)(DC)(DT)(DG)(DC)(DT)(DT)(DA)(DOC) P
#
# COMPACT_ATOMS: atom_id res chain seq x y z
N MET A 1 -19.50 -7.18 -29.43
CA MET A 1 -18.29 -7.03 -28.57
C MET A 1 -17.87 -8.36 -27.94
N LYS A 2 -16.69 -8.37 -27.32
CA LYS A 2 -16.08 -9.59 -26.79
C LYS A 2 -16.67 -9.94 -25.42
N GLU A 3 -16.96 -11.23 -25.21
CA GLU A 3 -17.51 -11.68 -23.94
C GLU A 3 -16.50 -11.58 -22.78
N PHE A 4 -16.99 -11.26 -21.59
CA PHE A 4 -16.18 -11.31 -20.37
C PHE A 4 -17.01 -11.67 -19.14
N TYR A 5 -16.38 -12.36 -18.19
CA TYR A 5 -17.02 -12.79 -16.95
C TYR A 5 -17.09 -11.67 -15.92
N LEU A 6 -17.99 -11.81 -14.95
CA LEU A 6 -18.11 -10.82 -13.88
C LEU A 6 -17.76 -11.49 -12.58
N THR A 7 -18.45 -12.59 -12.27
CA THR A 7 -18.10 -13.41 -11.12
C THR A 7 -18.19 -14.89 -11.51
N VAL A 8 -17.47 -15.72 -10.78
CA VAL A 8 -17.51 -17.17 -10.97
C VAL A 8 -17.41 -17.86 -9.61
N GLU A 9 -18.32 -18.79 -9.35
CA GLU A 9 -18.28 -19.56 -8.11
C GLU A 9 -18.48 -21.03 -8.42
N GLN A 10 -17.88 -21.88 -7.60
CA GLN A 10 -18.13 -23.31 -7.67
C GLN A 10 -19.01 -23.70 -6.50
N ILE A 11 -20.19 -24.22 -6.81
CA ILE A 11 -21.15 -24.64 -5.79
C ILE A 11 -21.49 -26.11 -6.06
N GLY A 12 -20.74 -26.99 -5.40
CA GLY A 12 -20.87 -28.43 -5.64
C GLY A 12 -20.29 -28.76 -7.01
N ASP A 13 -21.06 -29.51 -7.80
CA ASP A 13 -20.66 -29.92 -9.15
C ASP A 13 -21.05 -28.85 -10.18
N SER A 14 -21.49 -27.70 -9.69
CA SER A 14 -21.92 -26.62 -10.57
C SER A 14 -21.01 -25.42 -10.50
N ILE A 15 -20.67 -24.90 -11.68
CA ILE A 15 -20.04 -23.58 -11.79
C ILE A 15 -21.12 -22.54 -12.04
N PHE A 16 -21.19 -21.56 -11.14
CA PHE A 16 -22.14 -20.46 -11.26
C PHE A 16 -21.41 -19.22 -11.77
N GLU A 17 -21.77 -18.76 -12.97
CA GLU A 17 -21.10 -17.62 -13.59
C GLU A 17 -22.05 -16.48 -13.97
N ARG A 18 -21.66 -15.26 -13.62
CA ARG A 18 -22.32 -14.07 -14.10
C ARG A 18 -21.36 -13.42 -15.09
N TYR A 19 -21.85 -12.99 -16.23
CA TYR A 19 -20.97 -12.50 -17.29
C TYR A 19 -21.64 -11.46 -18.18
N ILE A 20 -20.86 -10.88 -19.09
CA ILE A 20 -21.38 -9.99 -20.10
C ILE A 20 -21.27 -10.68 -21.44
N ASP A 21 -22.39 -10.79 -22.15
CA ASP A 21 -22.44 -11.44 -23.46
C ASP A 21 -21.99 -10.51 -24.58
N SER A 22 -21.99 -11.03 -25.81
CA SER A 22 -21.47 -10.32 -26.98
C SER A 22 -22.31 -9.09 -27.36
N ASN A 23 -23.48 -8.96 -26.75
CA ASN A 23 -24.37 -7.83 -27.00
C ASN A 23 -24.34 -6.76 -25.90
N GLY A 24 -23.47 -6.97 -24.91
CA GLY A 24 -23.28 -6.00 -23.83
C GLY A 24 -24.20 -6.21 -22.64
N ARG A 25 -24.85 -7.36 -22.61
CA ARG A 25 -25.90 -7.66 -21.62
C ARG A 25 -25.42 -8.57 -20.49
N GLU A 26 -25.99 -8.38 -19.30
CA GLU A 26 -25.67 -9.23 -18.17
C GLU A 26 -26.56 -10.46 -18.18
N ARG A 27 -25.92 -11.62 -18.09
CA ARG A 27 -26.63 -12.88 -18.05
C ARG A 27 -26.04 -13.72 -16.93
N THR A 28 -26.61 -14.90 -16.72
CA THR A 28 -26.09 -15.84 -15.73
C THR A 28 -26.38 -17.28 -16.12
N ARG A 29 -25.43 -18.17 -15.81
CA ARG A 29 -25.54 -19.57 -16.20
C ARG A 29 -24.92 -20.50 -15.17
N GLU A 30 -25.57 -21.64 -14.98
CA GLU A 30 -25.05 -22.73 -14.15
C GLU A 30 -24.52 -23.81 -15.09
N VAL A 31 -23.28 -24.22 -14.86
CA VAL A 31 -22.58 -25.14 -15.75
C VAL A 31 -22.01 -26.32 -14.95
N GLU A 32 -22.31 -27.54 -15.38
CA GLU A 32 -21.71 -28.73 -14.77
C GLU A 32 -20.37 -29.03 -15.43
N TYR A 33 -19.41 -28.15 -15.15
CA TYR A 33 -18.09 -28.17 -15.77
C TYR A 33 -17.38 -29.49 -15.57
N LYS A 34 -16.73 -29.97 -16.63
CA LYS A 34 -16.03 -31.26 -16.59
C LYS A 34 -14.53 -30.98 -16.57
N PRO A 35 -13.93 -31.09 -15.38
CA PRO A 35 -12.52 -30.71 -15.20
C PRO A 35 -11.57 -31.84 -15.57
N SER A 36 -10.32 -31.47 -15.84
CA SER A 36 -9.27 -32.42 -16.14
C SER A 36 -8.10 -32.22 -15.19
N LEU A 37 -7.56 -33.34 -14.70
CA LEU A 37 -6.30 -33.35 -13.97
C LEU A 37 -5.37 -34.34 -14.65
N PHE A 38 -4.14 -34.44 -14.16
CA PHE A 38 -3.13 -35.20 -14.90
C PHE A 38 -2.30 -36.11 -13.99
N ALA A 39 -1.83 -37.22 -14.56
CA ALA A 39 -0.90 -38.11 -13.90
C ALA A 39 0.27 -38.37 -14.82
N HIS A 40 1.46 -38.61 -14.26
CA HIS A 40 2.60 -39.07 -15.05
C HIS A 40 2.28 -40.44 -15.64
N CYS A 41 2.51 -40.59 -16.94
CA CYS A 41 2.31 -41.86 -17.64
C CYS A 41 3.65 -42.39 -18.17
N PRO A 42 3.73 -43.73 -18.38
CA PRO A 42 4.95 -44.30 -18.97
C PRO A 42 5.30 -43.72 -20.34
N GLU A 43 6.59 -43.76 -20.66
CA GLU A 43 7.13 -43.26 -21.92
C GLU A 43 6.74 -44.16 -23.10
N SER A 44 5.44 -44.34 -23.29
CA SER A 44 4.91 -45.21 -24.35
C SER A 44 3.61 -44.61 -24.90
N GLN A 45 2.94 -43.84 -24.06
CA GLN A 45 1.65 -43.26 -24.42
C GLN A 45 1.87 -41.97 -25.19
N ALA A 46 1.69 -42.03 -26.51
CA ALA A 46 1.83 -40.88 -27.39
C ALA A 46 0.81 -39.76 -27.09
N THR A 47 1.06 -39.01 -26.02
CA THR A 47 0.19 -37.91 -25.61
C THR A 47 0.77 -36.56 -26.04
N LYS A 48 -0.05 -35.51 -25.96
CA LYS A 48 0.43 -34.16 -26.24
C LYS A 48 0.55 -33.27 -24.98
N TYR A 49 0.47 -33.92 -23.81
CA TYR A 49 0.61 -33.22 -22.53
C TYR A 49 1.90 -33.59 -21.82
N PHE A 50 2.64 -32.57 -21.40
CA PHE A 50 3.91 -32.76 -20.71
C PHE A 50 3.93 -31.86 -19.48
N ASP A 51 4.66 -32.26 -18.44
CA ASP A 51 4.81 -31.38 -17.28
C ASP A 51 5.86 -30.29 -17.59
N ILE A 52 6.03 -29.33 -16.68
CA ILE A 52 6.97 -28.24 -16.96
C ILE A 52 8.39 -28.73 -17.22
N TYR A 53 8.74 -29.84 -16.56
CA TYR A 53 10.04 -30.49 -16.74
C TYR A 53 10.10 -31.36 -17.99
N GLY A 54 8.98 -31.49 -18.70
CA GLY A 54 8.95 -32.23 -19.95
C GLY A 54 8.70 -33.73 -19.83
N LYS A 55 8.05 -34.15 -18.75
CA LYS A 55 7.76 -35.57 -18.57
C LYS A 55 6.30 -35.82 -18.92
N PRO A 56 6.03 -36.95 -19.60
CA PRO A 56 4.69 -37.22 -20.14
C PRO A 56 3.62 -37.41 -19.06
N CYS A 57 2.42 -36.92 -19.36
CA CYS A 57 1.27 -37.02 -18.49
C CYS A 57 0.05 -37.47 -19.28
N THR A 58 -0.76 -38.34 -18.70
CA THR A 58 -2.06 -38.66 -19.28
C THR A 58 -3.14 -37.77 -18.68
N ARG A 59 -4.03 -37.30 -19.54
CA ARG A 59 -5.17 -36.50 -19.15
C ARG A 59 -6.30 -37.35 -18.58
N LYS A 60 -6.81 -36.95 -17.43
CA LYS A 60 -7.97 -37.60 -16.82
C LYS A 60 -9.16 -36.64 -16.74
N LEU A 61 -10.15 -36.85 -17.62
CA LEU A 61 -11.34 -35.97 -17.70
C LEU A 61 -12.43 -36.54 -16.82
N PHE A 62 -12.75 -35.84 -15.73
CA PHE A 62 -13.74 -36.33 -14.77
C PHE A 62 -15.16 -35.96 -15.17
N ALA A 63 -16.13 -36.77 -14.74
CA ALA A 63 -17.55 -36.51 -14.98
C ALA A 63 -18.00 -35.26 -14.24
N ASN A 64 -17.45 -35.05 -13.05
CA ASN A 64 -17.74 -33.86 -12.24
C ASN A 64 -16.59 -33.47 -11.32
N MET A 65 -16.78 -32.34 -10.63
CA MET A 65 -15.74 -31.76 -9.79
C MET A 65 -15.58 -32.48 -8.45
N ARG A 66 -16.65 -33.12 -8.00
CA ARG A 66 -16.58 -33.94 -6.78
C ARG A 66 -15.63 -35.13 -6.95
N ASP A 67 -15.75 -35.84 -8.08
CA ASP A 67 -14.88 -36.98 -8.39
C ASP A 67 -13.41 -36.60 -8.58
N ALA A 68 -13.16 -35.37 -9.03
CA ALA A 68 -11.80 -34.89 -9.25
C ALA A 68 -11.08 -34.66 -7.91
N SER A 69 -11.73 -33.90 -7.03
CA SER A 69 -11.25 -33.69 -5.66
C SER A 69 -11.11 -35.00 -4.89
N GLN A 70 -11.98 -35.96 -5.21
CA GLN A 70 -11.87 -37.31 -4.65
C GLN A 70 -10.60 -37.99 -5.15
N TRP A 71 -10.38 -37.93 -6.46
CA TRP A 71 -9.21 -38.49 -7.09
C TRP A 71 -7.90 -37.94 -6.53
N ILE A 72 -7.88 -36.63 -6.28
CA ILE A 72 -6.71 -35.94 -5.69
C ILE A 72 -6.33 -36.56 -4.35
N LYS A 73 -7.34 -36.84 -3.52
CA LYS A 73 -7.16 -37.40 -2.19
C LYS A 73 -6.65 -38.85 -2.27
N ARG A 74 -7.20 -39.61 -3.21
CA ARG A 74 -6.79 -41.00 -3.45
C ARG A 74 -5.35 -41.09 -3.96
N MET A 75 -4.95 -40.11 -4.78
CA MET A 75 -3.58 -40.00 -5.28
C MET A 75 -2.60 -39.71 -4.16
N GLU A 76 -3.01 -38.83 -3.25
CA GLU A 76 -2.20 -38.48 -2.07
C GLU A 76 -1.92 -39.71 -1.22
N ASP A 77 -2.97 -40.48 -0.90
CA ASP A 77 -2.84 -41.68 -0.08
C ASP A 77 -2.23 -42.87 -0.83
N ILE A 78 -1.97 -42.69 -2.13
CA ILE A 78 -1.24 -43.66 -2.94
C ILE A 78 0.20 -43.18 -3.12
N GLY A 79 0.42 -41.89 -2.91
CA GLY A 79 1.76 -41.29 -2.96
C GLY A 79 2.14 -40.69 -4.31
N LEU A 80 1.15 -40.54 -5.19
CA LEU A 80 1.44 -40.06 -6.54
C LEU A 80 0.93 -38.66 -6.81
N GLU A 81 1.77 -37.87 -7.47
CA GLU A 81 1.42 -36.49 -7.82
C GLU A 81 0.17 -36.48 -8.71
N ALA A 82 -0.78 -35.63 -8.33
CA ALA A 82 -1.95 -35.34 -9.15
C ALA A 82 -1.75 -33.94 -9.73
N LEU A 83 -1.37 -33.88 -11.00
CA LEU A 83 -1.01 -32.63 -11.67
C LEU A 83 -2.21 -31.88 -12.27
N GLY A 84 -2.09 -30.57 -12.44
CA GLY A 84 -3.18 -29.76 -13.02
C GLY A 84 -3.79 -28.72 -12.08
N MET A 85 -4.70 -27.91 -12.62
CA MET A 85 -5.38 -26.85 -11.86
C MET A 85 -6.47 -27.41 -10.92
N ASP A 86 -6.13 -27.48 -9.64
CA ASP A 86 -7.02 -28.00 -8.60
C ASP A 86 -8.13 -27.01 -8.17
N ASP A 87 -7.93 -25.71 -8.41
CA ASP A 87 -8.99 -24.71 -8.25
C ASP A 87 -9.77 -24.67 -9.57
N PHE A 88 -10.85 -25.45 -9.65
CA PHE A 88 -11.54 -25.69 -10.93
C PHE A 88 -12.15 -24.46 -11.62
N LYS A 89 -12.63 -23.49 -10.85
CA LYS A 89 -13.16 -22.25 -11.44
C LYS A 89 -12.10 -21.42 -12.15
N LEU A 90 -10.83 -21.62 -11.79
CA LEU A 90 -9.72 -21.04 -12.55
C LEU A 90 -9.53 -21.76 -13.88
N ALA A 91 -9.59 -23.09 -13.87
CA ALA A 91 -9.57 -23.86 -15.11
C ALA A 91 -10.76 -23.50 -16.01
N TYR A 92 -11.93 -23.34 -15.38
CA TYR A 92 -13.15 -22.98 -16.09
C TYR A 92 -13.01 -21.64 -16.83
N LEU A 93 -12.43 -20.64 -16.17
CA LEU A 93 -12.28 -19.34 -16.82
C LEU A 93 -11.25 -19.42 -17.93
N SER A 94 -10.18 -20.18 -17.70
CA SER A 94 -9.14 -20.40 -18.70
C SER A 94 -9.73 -20.97 -20.01
N ASP A 95 -10.58 -21.99 -19.87
CA ASP A 95 -11.24 -22.61 -21.02
C ASP A 95 -12.30 -21.70 -21.66
N THR A 96 -13.17 -21.11 -20.84
CA THR A 96 -14.28 -20.27 -21.31
C THR A 96 -13.79 -18.96 -21.94
N TYR A 97 -12.70 -18.41 -21.40
CA TYR A 97 -12.09 -17.19 -21.92
C TYR A 97 -10.66 -17.43 -22.33
N ASN A 98 -10.51 -18.11 -23.46
CA ASN A 98 -9.20 -18.43 -24.01
C ASN A 98 -8.71 -17.33 -24.94
N TYR A 99 -8.55 -16.14 -24.37
CA TYR A 99 -8.00 -14.97 -25.06
C TYR A 99 -7.73 -13.87 -24.04
N GLU A 100 -6.93 -12.88 -24.43
CA GLU A 100 -6.69 -11.69 -23.59
C GLU A 100 -7.98 -10.89 -23.47
N ILE A 101 -8.51 -10.83 -22.25
CA ILE A 101 -9.79 -10.17 -21.98
C ILE A 101 -9.72 -8.66 -22.16
N LYS A 102 -10.67 -8.14 -22.94
CA LYS A 102 -10.90 -6.71 -23.13
C LYS A 102 -12.21 -6.35 -22.43
N TYR A 103 -12.13 -5.91 -21.18
CA TYR A 103 -13.33 -5.67 -20.38
C TYR A 103 -13.83 -4.23 -20.49
N ASP A 104 -15.13 -4.03 -20.27
CA ASP A 104 -15.73 -2.69 -20.28
C ASP A 104 -16.33 -2.40 -18.90
N HIS A 105 -15.69 -1.48 -18.16
CA HIS A 105 -16.09 -1.16 -16.79
C HIS A 105 -17.50 -0.56 -16.68
N THR A 106 -17.96 0.07 -17.74
CA THR A 106 -19.29 0.69 -17.77
C THR A 106 -20.41 -0.34 -17.62
N LYS A 107 -20.13 -1.58 -17.98
CA LYS A 107 -21.12 -2.66 -17.93
C LYS A 107 -21.01 -3.48 -16.64
N ILE A 108 -20.00 -3.17 -15.83
CA ILE A 108 -19.81 -3.82 -14.53
C ILE A 108 -20.55 -3.00 -13.48
N ARG A 109 -21.47 -3.63 -12.76
CA ARG A 109 -22.16 -2.95 -11.67
C ARG A 109 -21.27 -2.87 -10.45
N VAL A 110 -20.80 -1.65 -10.17
CA VAL A 110 -19.98 -1.38 -9.00
C VAL A 110 -20.86 -0.68 -7.97
N ALA A 111 -21.00 -1.28 -6.79
CA ALA A 111 -21.83 -0.70 -5.73
C ALA A 111 -21.04 -0.34 -4.48
N ASN A 112 -21.36 0.83 -3.93
CA ASN A 112 -20.69 1.39 -2.76
C ASN A 112 -21.75 1.73 -1.73
N PHE A 113 -21.65 1.21 -0.52
CA PHE A 113 -22.74 1.38 0.45
C PHE A 113 -22.29 1.45 1.90
N ASP A 114 -23.18 1.91 2.77
CA ASP A 114 -22.98 1.85 4.21
C ASP A 114 -24.33 1.97 4.91
N ILE A 115 -24.37 1.56 6.17
CA ILE A 115 -25.59 1.59 6.97
C ILE A 115 -25.37 2.39 8.26
N GLU A 116 -26.47 2.70 8.93
CA GLU A 116 -26.42 3.27 10.28
C GLU A 116 -27.24 2.40 11.24
N VAL A 117 -26.76 2.27 12.49
CA VAL A 117 -27.50 1.55 13.55
C VAL A 117 -27.38 2.29 14.88
N THR A 118 -28.51 2.81 15.38
CA THR A 118 -28.54 3.44 16.71
C THR A 118 -28.48 2.36 17.80
N SER A 119 -27.57 2.54 18.75
CA SER A 119 -27.33 1.55 19.81
C SER A 119 -27.07 2.23 21.16
N PRO A 120 -27.98 2.04 22.13
CA PRO A 120 -27.82 2.66 23.44
C PRO A 120 -27.05 1.79 24.46
N ASP A 121 -26.40 0.72 24.00
CA ASP A 121 -25.68 -0.19 24.90
C ASP A 121 -24.35 -0.72 24.31
N GLY A 122 -23.51 0.20 23.85
CA GLY A 122 -22.22 -0.15 23.28
C GLY A 122 -22.25 -0.33 21.77
N PHE A 123 -21.15 -0.83 21.22
CA PHE A 123 -21.01 -1.08 19.78
C PHE A 123 -22.04 -2.12 19.32
N PRO A 124 -22.91 -1.72 18.37
CA PRO A 124 -23.94 -2.60 17.83
C PRO A 124 -23.32 -3.81 17.12
N GLU A 125 -23.15 -4.89 17.88
CA GLU A 125 -22.47 -6.11 17.41
C GLU A 125 -23.16 -6.73 16.20
N PRO A 126 -22.45 -6.80 15.06
CA PRO A 126 -22.99 -7.38 13.83
C PRO A 126 -23.48 -8.82 13.98
N SER A 127 -22.76 -9.63 14.75
CA SER A 127 -23.13 -11.03 14.98
C SER A 127 -24.51 -11.16 15.66
N GLN A 128 -24.71 -10.38 16.72
CA GLN A 128 -25.99 -10.36 17.45
C GLN A 128 -27.09 -9.62 16.70
N ALA A 129 -26.77 -8.43 16.18
CA ALA A 129 -27.69 -7.61 15.38
C ALA A 129 -29.08 -7.46 16.01
N LYS A 130 -29.10 -6.86 17.20
CA LYS A 130 -30.33 -6.73 17.99
C LYS A 130 -30.92 -5.31 17.97
N HIS A 131 -30.26 -4.41 17.25
CA HIS A 131 -30.76 -3.05 17.07
C HIS A 131 -31.15 -2.81 15.61
N PRO A 132 -32.34 -2.21 15.40
CA PRO A 132 -32.85 -1.84 14.08
C PRO A 132 -31.83 -1.16 13.16
N ILE A 133 -31.91 -1.46 11.86
CA ILE A 133 -31.14 -0.73 10.85
C ILE A 133 -31.91 0.55 10.47
N ASP A 134 -31.41 1.71 10.87
CA ASP A 134 -32.13 2.98 10.64
C ASP A 134 -31.70 3.83 9.44
N ALA A 135 -30.66 3.43 8.72
CA ALA A 135 -30.31 4.12 7.47
C ALA A 135 -29.40 3.28 6.58
N ILE A 136 -29.63 3.35 5.27
CA ILE A 136 -28.75 2.73 4.28
C ILE A 136 -28.60 3.61 3.05
N THR A 137 -27.36 3.91 2.67
CA THR A 137 -27.09 4.60 1.41
C THR A 137 -26.28 3.70 0.50
N HIS A 138 -26.79 3.54 -0.72
CA HIS A 138 -26.30 2.58 -1.67
C HIS A 138 -26.13 3.31 -3.02
N TYR A 139 -24.87 3.52 -3.42
CA TYR A 139 -24.55 4.06 -4.74
C TYR A 139 -24.34 2.98 -5.82
N ASP A 140 -25.10 3.08 -6.91
CA ASP A 140 -24.96 2.20 -8.07
C ASP A 140 -24.17 2.86 -9.21
N SER A 141 -23.02 2.29 -9.57
CA SER A 141 -22.14 2.83 -10.63
C SER A 141 -22.82 2.98 -11.99
N ILE A 142 -23.72 2.06 -12.30
CA ILE A 142 -24.39 2.05 -13.60
C ILE A 142 -25.51 3.10 -13.72
N ASP A 143 -26.27 3.30 -12.64
CA ASP A 143 -27.33 4.32 -12.61
C ASP A 143 -26.75 5.69 -12.27
N ASP A 144 -25.59 5.68 -11.61
CA ASP A 144 -24.95 6.86 -11.03
C ASP A 144 -25.90 7.55 -10.05
N ARG A 145 -26.42 6.77 -9.10
CA ARG A 145 -27.43 7.25 -8.16
C ARG A 145 -27.20 6.76 -6.73
N PHE A 146 -27.37 7.68 -5.78
CA PHE A 146 -27.29 7.39 -4.36
C PHE A 146 -28.69 7.07 -3.84
N TYR A 147 -28.97 5.78 -3.66
CA TYR A 147 -30.25 5.32 -3.11
C TYR A 147 -30.22 5.35 -1.58
N VAL A 148 -31.11 6.14 -1.00
CA VAL A 148 -31.10 6.41 0.42
C VAL A 148 -32.34 5.82 1.08
N PHE A 149 -32.11 4.88 2.00
CA PHE A 149 -33.20 4.25 2.75
C PHE A 149 -33.15 4.75 4.19
N ASP A 150 -34.21 5.43 4.59
CA ASP A 150 -34.27 6.15 5.86
C ASP A 150 -35.46 5.71 6.71
N LEU A 151 -35.17 5.30 7.93
CA LEU A 151 -36.21 4.85 8.87
C LEU A 151 -36.71 5.98 9.76
N LEU A 152 -38.01 6.25 9.68
CA LEU A 152 -38.62 7.34 10.45
C LEU A 152 -39.09 6.92 11.84
N ASN A 153 -39.51 5.66 11.98
CA ASN A 153 -40.05 5.16 13.25
C ASN A 153 -39.23 3.99 13.80
N SER A 154 -38.78 4.15 15.05
CA SER A 154 -37.93 3.17 15.72
C SER A 154 -38.23 3.18 17.22
N PRO A 155 -37.94 2.06 17.92
CA PRO A 155 -38.08 2.07 19.38
C PRO A 155 -37.19 3.13 20.05
N TYR A 156 -36.09 3.48 19.40
CA TYR A 156 -35.13 4.46 19.95
C TYR A 156 -35.42 5.90 19.50
N GLY A 157 -36.57 6.13 18.87
CA GLY A 157 -37.00 7.48 18.52
C GLY A 157 -37.77 7.59 17.21
N ASN A 158 -38.81 8.42 17.23
CA ASN A 158 -39.59 8.76 16.04
C ASN A 158 -39.11 10.09 15.45
N VAL A 159 -38.61 10.04 14.21
CA VAL A 159 -38.00 11.21 13.60
C VAL A 159 -38.74 11.73 12.36
N GLU A 160 -38.33 12.90 11.90
CA GLU A 160 -38.90 13.56 10.73
C GLU A 160 -38.12 13.19 9.47
N GLU A 161 -38.77 13.34 8.31
CA GLU A 161 -38.14 13.09 7.02
C GLU A 161 -36.93 13.97 6.74
N TRP A 162 -35.89 13.36 6.19
CA TRP A 162 -34.67 14.07 5.78
C TRP A 162 -35.01 15.15 4.74
N SER A 163 -34.33 16.29 4.82
CA SER A 163 -34.53 17.35 3.86
C SER A 163 -33.30 17.61 2.98
N ILE A 164 -33.44 17.33 1.69
CA ILE A 164 -32.40 17.58 0.68
C ILE A 164 -31.95 19.07 0.61
N GLU A 165 -32.84 19.98 0.99
CA GLU A 165 -32.58 21.42 0.91
C GLU A 165 -31.61 21.87 1.98
N ILE A 166 -31.90 21.48 3.22
CA ILE A 166 -30.99 21.67 4.36
C ILE A 166 -29.66 20.93 4.14
N ALA A 167 -29.73 19.71 3.62
CA ALA A 167 -28.53 18.92 3.35
C ALA A 167 -27.57 19.65 2.40
N ALA A 168 -28.15 20.27 1.37
CA ALA A 168 -27.42 21.03 0.38
C ALA A 168 -26.78 22.30 0.95
N LYS A 169 -27.42 22.90 1.95
CA LYS A 169 -26.87 24.11 2.60
C LYS A 169 -25.54 23.85 3.28
N LEU A 170 -24.72 24.89 3.37
CA LEU A 170 -23.43 24.82 4.05
C LEU A 170 -23.62 24.74 5.56
N GLN A 171 -22.65 24.12 6.23
CA GLN A 171 -22.64 24.07 7.69
C GLN A 171 -22.61 25.46 8.35
N GLU A 172 -21.96 26.44 7.72
CA GLU A 172 -22.06 27.86 8.17
C GLU A 172 -23.50 28.35 8.21
N GLN A 173 -24.35 27.70 7.41
CA GLN A 173 -25.72 28.19 7.23
C GLN A 173 -26.74 27.36 8.02
N GLY A 174 -26.25 26.31 8.69
CA GLY A 174 -27.09 25.38 9.46
C GLY A 174 -27.50 24.16 8.68
N GLY A 175 -26.85 23.96 7.53
CA GLY A 175 -27.08 22.80 6.69
C GLY A 175 -26.03 21.73 6.96
N ASP A 176 -25.94 20.75 6.07
CA ASP A 176 -25.06 19.58 6.30
C ASP A 176 -23.89 19.52 5.33
N GLU A 177 -23.96 20.36 4.31
CA GLU A 177 -22.91 20.53 3.32
C GLU A 177 -22.67 19.26 2.51
N VAL A 178 -23.75 18.58 2.12
CA VAL A 178 -23.68 17.48 1.14
C VAL A 178 -23.20 18.06 -0.18
N PRO A 179 -22.07 17.55 -0.71
CA PRO A 179 -21.53 18.15 -1.92
C PRO A 179 -22.59 18.38 -3.00
N SER A 180 -22.49 19.54 -3.63
CA SER A 180 -23.48 20.06 -4.57
C SER A 180 -23.61 19.16 -5.80
N GLU A 181 -22.49 18.58 -6.21
CA GLU A 181 -22.47 17.80 -7.43
C GLU A 181 -23.14 16.42 -7.30
N ILE A 182 -23.54 16.01 -6.10
CA ILE A 182 -24.32 14.74 -5.97
C ILE A 182 -25.78 14.92 -5.55
N ILE A 183 -26.17 16.15 -5.21
CA ILE A 183 -27.53 16.46 -4.80
C ILE A 183 -28.56 15.92 -5.80
N ASP A 184 -28.34 16.17 -7.09
CA ASP A 184 -29.26 15.73 -8.13
C ASP A 184 -29.13 14.24 -8.47
N LYS A 185 -28.28 13.54 -7.70
CA LYS A 185 -28.08 12.11 -7.90
C LYS A 185 -28.63 11.27 -6.74
N ILE A 186 -29.30 11.93 -5.81
CA ILE A 186 -29.87 11.24 -4.65
C ILE A 186 -31.33 10.87 -4.86
N ILE A 187 -31.62 9.58 -4.77
CA ILE A 187 -32.98 9.07 -4.74
C ILE A 187 -33.32 8.71 -3.28
N TYR A 188 -34.16 9.52 -2.67
CA TYR A 188 -34.47 9.40 -1.25
C TYR A 188 -35.78 8.66 -1.01
N MET A 189 -35.73 7.64 -0.14
CA MET A 189 -36.86 6.77 0.14
C MET A 189 -36.99 6.55 1.66
N PRO A 190 -38.04 7.12 2.27
CA PRO A 190 -38.28 6.97 3.70
C PRO A 190 -39.25 5.84 4.02
N PHE A 191 -39.26 5.39 5.28
CA PHE A 191 -40.05 4.24 5.67
C PHE A 191 -40.74 4.37 7.03
N ASP A 192 -41.97 3.88 7.07
CA ASP A 192 -42.79 3.79 8.28
C ASP A 192 -42.24 2.79 9.28
N ASN A 193 -41.57 1.75 8.78
CA ASN A 193 -41.14 0.64 9.62
C ASN A 193 -39.91 -0.10 9.08
N GLU A 194 -39.14 -0.67 10.00
CA GLU A 194 -37.89 -1.35 9.69
C GLU A 194 -38.05 -2.53 8.73
N LYS A 195 -39.17 -3.24 8.82
CA LYS A 195 -39.40 -4.44 7.99
C LYS A 195 -39.57 -4.09 6.51
N GLU A 196 -40.35 -3.05 6.22
CA GLU A 196 -40.65 -2.66 4.85
C GLU A 196 -39.45 -1.99 4.17
N LEU A 197 -38.57 -1.40 4.97
CA LEU A 197 -37.30 -0.86 4.48
C LEU A 197 -36.38 -2.01 4.02
N LEU A 198 -36.25 -3.03 4.85
CA LEU A 198 -35.39 -4.18 4.54
C LEU A 198 -35.88 -4.96 3.32
N MET A 199 -37.20 -5.17 3.23
CA MET A 199 -37.81 -5.87 2.09
C MET A 199 -37.54 -5.12 0.79
N GLU A 200 -37.81 -3.81 0.79
CA GLU A 200 -37.53 -2.97 -0.36
C GLU A 200 -36.05 -2.95 -0.69
N TYR A 201 -35.19 -2.88 0.33
CA TYR A 201 -33.75 -2.99 0.12
C TYR A 201 -33.30 -4.36 -0.41
N LEU A 202 -34.12 -5.41 -0.22
CA LEU A 202 -33.81 -6.72 -0.82
C LEU A 202 -34.24 -6.80 -2.30
N ASN A 203 -35.40 -6.22 -2.61
CA ASN A 203 -35.93 -6.15 -3.97
C ASN A 203 -35.02 -5.45 -4.97
N PHE A 204 -34.78 -4.16 -4.73
CA PHE A 204 -33.82 -3.34 -5.48
C PHE A 204 -32.44 -4.02 -5.66
N TRP A 205 -31.98 -4.74 -4.63
CA TRP A 205 -30.74 -5.51 -4.66
C TRP A 205 -30.81 -6.61 -5.71
N GLN A 206 -31.98 -7.25 -5.83
CA GLN A 206 -32.17 -8.27 -6.86
C GLN A 206 -32.26 -7.62 -8.22
N GLN A 207 -32.85 -6.43 -8.26
CA GLN A 207 -32.98 -5.66 -9.50
C GLN A 207 -31.66 -5.09 -9.97
N LYS A 208 -30.79 -4.75 -9.01
CA LYS A 208 -29.49 -4.16 -9.29
C LYS A 208 -28.44 -4.85 -8.45
N THR A 209 -28.15 -6.11 -8.77
CA THR A 209 -27.24 -6.93 -7.98
C THR A 209 -25.79 -6.55 -8.21
N PRO A 210 -25.09 -6.17 -7.13
CA PRO A 210 -23.69 -5.77 -7.25
C PRO A 210 -22.84 -6.89 -7.78
N VAL A 211 -21.92 -6.56 -8.69
CA VAL A 211 -20.84 -7.45 -9.08
C VAL A 211 -19.67 -7.15 -8.16
N ILE A 212 -19.28 -5.89 -8.14
CA ILE A 212 -18.21 -5.43 -7.27
C ILE A 212 -18.85 -4.66 -6.12
N LEU A 213 -18.72 -5.21 -4.91
CA LEU A 213 -19.27 -4.56 -3.71
C LEU A 213 -18.18 -4.04 -2.80
N THR A 214 -18.28 -2.76 -2.47
CA THR A 214 -17.26 -2.03 -1.72
C THR A 214 -17.85 -0.99 -0.76
N GLY A 215 -16.97 -0.23 -0.11
CA GLY A 215 -17.35 0.79 0.87
C GLY A 215 -16.34 0.75 1.99
N TRP A 216 -16.65 1.39 3.11
CA TRP A 216 -15.68 1.48 4.20
C TRP A 216 -16.04 0.56 5.34
N ASN A 217 -15.16 -0.41 5.62
CA ASN A 217 -15.43 -1.50 6.57
C ASN A 217 -16.68 -2.30 6.26
N VAL A 218 -16.97 -2.50 4.97
CA VAL A 218 -18.22 -3.19 4.57
C VAL A 218 -18.20 -4.68 4.85
N GLU A 219 -17.01 -5.27 4.79
CA GLU A 219 -16.86 -6.69 5.07
C GLU A 219 -16.98 -6.92 6.58
N SER A 220 -16.44 -6.00 7.36
CA SER A 220 -16.39 -6.14 8.82
C SER A 220 -17.64 -5.68 9.58
N PHE A 221 -18.41 -4.76 8.99
CA PHE A 221 -19.60 -4.25 9.67
C PHE A 221 -20.90 -4.33 8.85
N ALA A 222 -20.94 -3.61 7.73
CA ALA A 222 -22.17 -3.43 6.95
C ALA A 222 -22.76 -4.72 6.39
N ILE A 223 -21.94 -5.54 5.71
CA ILE A 223 -22.44 -6.80 5.15
C ILE A 223 -22.92 -7.81 6.21
N PRO A 224 -22.13 -8.05 7.26
CA PRO A 224 -22.61 -8.96 8.31
C PRO A 224 -23.81 -8.40 9.08
N TYR A 225 -23.89 -7.09 9.24
CA TYR A 225 -25.05 -6.52 9.93
C TYR A 225 -26.32 -6.68 9.10
N VAL A 226 -26.26 -6.26 7.83
CA VAL A 226 -27.42 -6.39 6.93
C VAL A 226 -27.86 -7.87 6.84
N TYR A 227 -26.90 -8.78 6.70
CA TYR A 227 -27.20 -10.23 6.67
C TYR A 227 -27.86 -10.72 7.96
N ASN A 228 -27.20 -10.47 9.09
CA ASN A 228 -27.66 -10.96 10.40
C ASN A 228 -28.96 -10.35 10.89
N ARG A 229 -29.17 -9.06 10.58
CA ARG A 229 -30.41 -8.40 10.96
C ARG A 229 -31.61 -8.96 10.20
N ILE A 230 -31.44 -9.15 8.89
CA ILE A 230 -32.45 -9.85 8.07
C ILE A 230 -32.61 -11.31 8.53
N LYS A 231 -31.53 -11.88 9.09
CA LYS A 231 -31.59 -13.23 9.64
C LYS A 231 -32.40 -13.27 10.94
N ASN A 232 -32.25 -12.24 11.77
CA ASN A 232 -32.98 -12.19 13.04
C ASN A 232 -34.44 -11.78 12.91
N ILE A 233 -34.77 -11.11 11.79
CA ILE A 233 -36.12 -10.56 11.58
C ILE A 233 -36.98 -11.42 10.64
N PHE A 234 -36.44 -11.79 9.48
CA PHE A 234 -37.17 -12.63 8.53
C PHE A 234 -36.74 -14.09 8.62
N GLY A 235 -35.53 -14.33 9.11
CA GLY A 235 -34.95 -15.67 9.18
C GLY A 235 -33.90 -15.86 8.10
N GLU A 236 -33.36 -17.07 8.01
CA GLU A 236 -32.46 -17.43 6.90
C GLU A 236 -33.24 -17.49 5.59
N SER A 237 -32.60 -17.98 4.52
CA SER A 237 -33.18 -18.03 3.18
C SER A 237 -33.48 -16.64 2.60
N THR A 238 -34.34 -15.88 3.28
CA THR A 238 -34.62 -14.50 2.91
C THR A 238 -33.35 -13.65 3.04
N ALA A 239 -32.54 -13.98 4.05
CA ALA A 239 -31.22 -13.39 4.22
C ALA A 239 -30.26 -13.79 3.09
N LYS A 240 -30.43 -15.01 2.59
CA LYS A 240 -29.60 -15.55 1.50
C LYS A 240 -29.92 -14.91 0.14
N ARG A 241 -30.96 -14.07 0.10
CA ARG A 241 -31.29 -13.32 -1.12
C ARG A 241 -30.21 -12.29 -1.47
N LEU A 242 -29.34 -11.99 -0.50
CA LEU A 242 -28.21 -11.08 -0.71
C LEU A 242 -27.23 -11.68 -1.72
N SER A 243 -27.25 -13.01 -1.82
CA SER A 243 -26.51 -13.73 -2.83
C SER A 243 -27.39 -13.97 -4.06
N PRO A 244 -26.88 -13.69 -5.27
CA PRO A 244 -27.59 -14.04 -6.50
C PRO A 244 -27.82 -15.56 -6.65
N HIS A 245 -27.03 -16.36 -5.96
CA HIS A 245 -27.17 -17.80 -6.04
C HIS A 245 -27.73 -18.37 -4.74
N ARG A 246 -28.13 -17.47 -3.84
CA ARG A 246 -28.71 -17.83 -2.54
C ARG A 246 -27.83 -18.81 -1.77
N LYS A 247 -26.52 -18.56 -1.79
CA LYS A 247 -25.57 -19.32 -1.01
C LYS A 247 -24.61 -18.37 -0.31
N THR A 248 -24.59 -18.47 1.02
CA THR A 248 -23.62 -17.73 1.82
C THR A 248 -22.79 -18.71 2.65
N ARG A 249 -21.62 -18.23 3.08
CA ARG A 249 -20.81 -18.93 4.07
C ARG A 249 -20.45 -17.93 5.15
N VAL A 250 -21.07 -18.10 6.32
CA VAL A 250 -20.67 -17.39 7.51
C VAL A 250 -19.41 -18.09 7.97
N LYS A 251 -18.37 -17.34 8.34
CA LYS A 251 -17.19 -17.99 8.91
C LYS A 251 -17.50 -18.46 10.35
N VAL A 252 -17.07 -17.77 11.41
CA VAL A 252 -16.17 -16.63 11.40
C VAL A 252 -15.57 -16.46 12.80
N ILE A 253 -16.45 -16.49 13.79
CA ILE A 253 -16.15 -16.14 15.18
C ILE A 253 -14.64 -16.06 15.48
N GLU A 254 -14.09 -14.87 15.33
CA GLU A 254 -12.71 -14.62 15.74
C GLU A 254 -12.67 -14.04 17.16
N ASN A 255 -12.61 -14.95 18.13
CA ASN A 255 -12.31 -14.60 19.52
C ASN A 255 -10.81 -14.81 19.74
N MET A 256 -10.22 -14.32 20.84
CA MET A 256 -10.86 -13.56 21.91
C MET A 256 -10.64 -12.05 21.68
N TYR A 257 -11.38 -11.17 22.36
CA TYR A 257 -12.25 -11.54 23.49
C TYR A 257 -13.60 -10.79 23.49
N GLY A 258 -14.48 -11.04 22.50
CA GLY A 258 -14.21 -11.78 21.27
C GLY A 258 -14.25 -10.78 20.12
N SER A 259 -15.07 -11.00 19.08
CA SER A 259 -15.92 -12.17 18.82
C SER A 259 -16.81 -11.84 17.61
N ARG A 260 -16.18 -11.54 16.48
CA ARG A 260 -16.83 -10.91 15.32
C ARG A 260 -17.38 -11.88 14.25
N GLU A 261 -17.87 -11.31 13.14
CA GLU A 261 -18.60 -12.05 12.11
C GLU A 261 -18.25 -11.59 10.69
N ILE A 262 -17.94 -12.54 9.80
CA ILE A 262 -17.61 -12.26 8.39
C ILE A 262 -18.44 -13.15 7.45
N ILE A 263 -19.14 -12.51 6.51
CA ILE A 263 -20.04 -13.20 5.57
C ILE A 263 -19.52 -13.23 4.14
N THR A 264 -19.45 -14.43 3.58
CA THR A 264 -19.14 -14.63 2.16
C THR A 264 -20.45 -14.72 1.39
N LEU A 265 -20.69 -13.78 0.47
CA LEU A 265 -21.84 -13.86 -0.43
C LEU A 265 -21.38 -14.41 -1.79
N PHE A 266 -21.78 -15.65 -2.10
CA PHE A 266 -21.49 -16.30 -3.39
C PHE A 266 -22.07 -15.50 -4.56
N GLY A 267 -21.23 -15.19 -5.56
CA GLY A 267 -21.68 -14.44 -6.73
C GLY A 267 -21.47 -12.94 -6.65
N ILE A 268 -20.88 -12.48 -5.55
CA ILE A 268 -20.55 -11.08 -5.37
C ILE A 268 -19.08 -10.98 -4.96
N SER A 269 -18.38 -10.00 -5.54
CA SER A 269 -17.00 -9.75 -5.22
C SER A 269 -16.85 -8.60 -4.25
N VAL A 270 -16.50 -8.95 -3.01
CA VAL A 270 -16.38 -7.95 -1.96
C VAL A 270 -14.96 -7.39 -1.91
N LEU A 271 -14.80 -6.16 -2.38
CA LEU A 271 -13.55 -5.45 -2.24
C LEU A 271 -13.74 -4.33 -1.25
N ASP A 272 -13.49 -4.64 0.02
CA ASP A 272 -13.62 -3.64 1.08
C ASP A 272 -12.60 -2.53 0.82
N TYR A 273 -13.05 -1.27 0.78
CA TYR A 273 -12.14 -0.20 0.40
C TYR A 273 -10.99 -0.05 1.39
N ILE A 274 -11.27 -0.28 2.67
CA ILE A 274 -10.21 -0.30 3.68
C ILE A 274 -9.09 -1.28 3.29
N ASP A 275 -9.46 -2.47 2.79
CA ASP A 275 -8.44 -3.48 2.44
C ASP A 275 -7.71 -3.15 1.17
N LEU A 276 -8.45 -2.64 0.18
CA LEU A 276 -7.84 -2.05 -1.01
C LEU A 276 -6.83 -0.95 -0.63
N TYR A 277 -7.23 -0.08 0.29
CA TYR A 277 -6.40 1.03 0.71
C TYR A 277 -5.11 0.52 1.40
N LYS A 278 -5.27 -0.39 2.36
CA LYS A 278 -4.09 -0.98 3.02
C LYS A 278 -3.15 -1.67 2.05
N LYS A 279 -3.68 -2.36 1.04
CA LYS A 279 -2.84 -3.10 0.10
C LYS A 279 -2.11 -2.24 -0.94
N PHE A 280 -2.83 -1.27 -1.47
CA PHE A 280 -2.41 -0.58 -2.69
C PHE A 280 -1.98 0.89 -2.52
N SER A 281 -2.23 1.48 -1.35
CA SER A 281 -1.98 2.92 -1.16
C SER A 281 -0.55 3.28 -0.82
N PHE A 282 0.21 2.29 -0.34
CA PHE A 282 1.57 2.51 0.21
C PHE A 282 1.68 3.63 1.23
N THR A 283 0.73 3.60 2.15
CA THR A 283 0.79 4.39 3.36
C THR A 283 0.83 3.44 4.57
N ASN A 284 1.16 3.98 5.73
CA ASN A 284 0.82 3.32 6.98
C ASN A 284 0.30 4.42 7.87
N GLN A 285 -1.01 4.38 8.13
CA GLN A 285 -1.73 5.46 8.80
C GLN A 285 -1.86 5.24 10.30
N PRO A 286 -1.91 6.33 11.09
CA PRO A 286 -2.15 6.19 12.53
C PRO A 286 -3.61 5.81 12.82
N SER A 287 -4.49 6.08 11.86
CA SER A 287 -5.91 5.82 12.03
C SER A 287 -6.54 5.36 10.71
N TYR A 288 -7.60 4.56 10.80
CA TYR A 288 -8.31 4.16 9.60
C TYR A 288 -9.80 4.52 9.58
N SER A 289 -10.18 5.50 10.42
CA SER A 289 -11.51 6.08 10.30
C SER A 289 -11.61 6.74 8.94
N LEU A 290 -12.81 6.70 8.37
CA LEU A 290 -13.04 7.38 7.10
C LEU A 290 -12.71 8.85 7.23
N ASP A 291 -13.00 9.44 8.40
CA ASP A 291 -12.73 10.88 8.60
C ASP A 291 -11.26 11.20 8.43
N TYR A 292 -10.41 10.32 8.97
CA TYR A 292 -8.97 10.53 8.90
C TYR A 292 -8.40 10.31 7.51
N ILE A 293 -8.83 9.24 6.81
CA ILE A 293 -8.34 8.93 5.47
C ILE A 293 -8.82 9.98 4.44
N SER A 294 -10.07 10.39 4.57
CA SER A 294 -10.65 11.46 3.73
C SER A 294 -9.87 12.77 3.86
N GLU A 295 -9.63 13.22 5.09
CA GLU A 295 -8.79 14.39 5.35
C GLU A 295 -7.42 14.27 4.68
N PHE A 296 -6.77 13.12 4.90
CA PHE A 296 -5.43 12.83 4.35
C PHE A 296 -5.45 12.86 2.83
N GLU A 297 -6.43 12.18 2.24
CA GLU A 297 -6.47 11.95 0.81
C GLU A 297 -7.04 13.15 0.05
N LEU A 298 -8.04 13.81 0.62
CA LEU A 298 -8.89 14.75 -0.11
C LEU A 298 -8.89 16.16 0.47
N ASN A 299 -8.22 16.32 1.60
CA ASN A 299 -8.25 17.60 2.34
C ASN A 299 -9.65 18.06 2.75
N VAL A 300 -10.55 17.11 3.01
CA VAL A 300 -11.89 17.47 3.49
C VAL A 300 -11.98 17.42 5.01
N GLY A 301 -12.83 18.29 5.57
CA GLY A 301 -13.00 18.37 7.00
C GLY A 301 -13.76 17.20 7.58
N LYS A 302 -13.54 16.96 8.88
CA LYS A 302 -14.20 15.87 9.59
C LYS A 302 -15.71 16.13 9.70
N LEU A 303 -16.47 15.05 9.84
CA LEU A 303 -17.92 15.13 10.02
C LEU A 303 -18.27 15.34 11.50
N LYS A 304 -18.25 16.59 11.93
CA LYS A 304 -18.50 16.96 13.32
C LYS A 304 -19.98 16.82 13.69
N TYR A 305 -20.24 16.32 14.90
CA TYR A 305 -21.59 16.30 15.47
C TYR A 305 -21.54 16.46 16.99
N ASP A 306 -22.65 16.91 17.56
CA ASP A 306 -22.76 17.09 19.01
C ASP A 306 -23.21 15.79 19.69
N GLY A 307 -22.58 15.47 20.82
CA GLY A 307 -22.95 14.32 21.63
C GLY A 307 -22.57 12.99 20.99
N PRO A 308 -22.82 11.88 21.69
CA PRO A 308 -22.44 10.54 21.23
C PRO A 308 -23.23 10.11 20.00
N ILE A 309 -22.65 9.20 19.22
CA ILE A 309 -23.29 8.68 18.00
C ILE A 309 -24.56 7.88 18.33
N SER A 310 -24.63 7.37 19.56
CA SER A 310 -25.79 6.61 20.03
C SER A 310 -27.03 7.48 20.19
N LYS A 311 -26.84 8.80 20.16
CA LYS A 311 -27.94 9.76 20.33
C LYS A 311 -28.02 10.77 19.19
N LEU A 312 -27.33 10.47 18.08
CA LEU A 312 -27.27 11.38 16.93
C LEU A 312 -28.57 11.41 16.14
N ARG A 313 -29.13 10.22 15.85
CA ARG A 313 -30.39 10.15 15.12
C ARG A 313 -31.49 10.87 15.88
N GLU A 314 -31.55 10.62 17.20
CA GLU A 314 -32.57 11.23 18.06
C GLU A 314 -32.48 12.75 18.09
N SER A 315 -31.27 13.28 18.19
CA SER A 315 -31.06 14.71 18.43
C SER A 315 -30.92 15.54 17.15
N ASN A 316 -30.48 14.89 16.06
CA ASN A 316 -30.34 15.56 14.76
C ASN A 316 -30.43 14.58 13.59
N HIS A 317 -31.64 14.08 13.35
CA HIS A 317 -31.86 13.09 12.30
C HIS A 317 -31.39 13.57 10.93
N GLN A 318 -31.61 14.85 10.65
CA GLN A 318 -31.15 15.52 9.44
C GLN A 318 -29.66 15.27 9.17
N ARG A 319 -28.81 15.70 10.11
CA ARG A 319 -27.37 15.49 9.99
C ARG A 319 -26.96 14.00 9.90
N TYR A 320 -27.62 13.17 10.69
CA TYR A 320 -27.41 11.69 10.71
C TYR A 320 -27.46 11.12 9.29
N ILE A 321 -28.53 11.45 8.57
CA ILE A 321 -28.75 10.99 7.19
C ILE A 321 -27.79 11.60 6.16
N SER A 322 -27.53 12.90 6.26
CA SER A 322 -26.55 13.55 5.40
C SER A 322 -25.15 12.94 5.56
N TYR A 323 -24.77 12.65 6.81
CA TYR A 323 -23.44 12.13 7.13
C TYR A 323 -23.28 10.69 6.62
N ASN A 324 -24.37 9.93 6.66
CA ASN A 324 -24.42 8.61 6.04
C ASN A 324 -24.22 8.69 4.51
N ILE A 325 -24.87 9.67 3.85
CA ILE A 325 -24.70 9.88 2.40
C ILE A 325 -23.28 10.32 2.06
N ILE A 326 -22.79 11.32 2.79
CA ILE A 326 -21.45 11.84 2.59
C ILE A 326 -20.37 10.74 2.78
N ALA A 327 -20.59 9.84 3.73
CA ALA A 327 -19.63 8.76 3.97
C ALA A 327 -19.44 7.92 2.71
N VAL A 328 -20.54 7.61 2.05
CA VAL A 328 -20.53 6.77 0.84
C VAL A 328 -19.79 7.49 -0.28
N TYR A 329 -20.10 8.77 -0.46
CA TYR A 329 -19.46 9.55 -1.51
C TYR A 329 -17.94 9.75 -1.29
N ARG A 330 -17.49 9.85 -0.05
N ARG A 330 -17.49 9.87 -0.05
CA ARG A 330 -16.06 10.02 0.20
CA ARG A 330 -16.06 10.03 0.22
C ARG A 330 -15.21 8.88 -0.36
C ARG A 330 -15.23 8.88 -0.38
N VAL A 331 -15.75 7.66 -0.31
CA VAL A 331 -15.06 6.49 -0.85
C VAL A 331 -14.97 6.56 -2.39
N LEU A 332 -16.07 6.93 -3.04
CA LEU A 332 -16.07 7.33 -4.45
C LEU A 332 -15.01 8.40 -4.77
N GLN A 333 -14.94 9.46 -3.97
CA GLN A 333 -13.92 10.52 -4.17
C GLN A 333 -12.49 10.00 -3.98
N ILE A 334 -12.29 9.22 -2.93
CA ILE A 334 -10.99 8.59 -2.72
C ILE A 334 -10.64 7.73 -3.93
N ASP A 335 -11.60 6.95 -4.43
CA ASP A 335 -11.35 6.08 -5.59
C ASP A 335 -11.15 6.81 -6.91
N ALA A 336 -11.89 7.90 -7.14
CA ALA A 336 -11.66 8.75 -8.32
C ALA A 336 -10.19 9.22 -8.37
N LYS A 337 -9.67 9.61 -7.20
CA LYS A 337 -8.23 9.89 -7.06
C LYS A 337 -7.30 8.64 -7.13
N ARG A 338 -7.43 7.70 -6.20
CA ARG A 338 -6.49 6.56 -6.14
C ARG A 338 -6.65 5.49 -7.20
N GLN A 339 -7.88 5.31 -7.68
CA GLN A 339 -8.21 4.36 -8.75
C GLN A 339 -7.83 2.89 -8.47
N PHE A 340 -8.11 2.46 -7.24
CA PHE A 340 -7.84 1.06 -6.83
C PHE A 340 -8.85 0.06 -7.43
N ILE A 341 -10.09 0.49 -7.66
CA ILE A 341 -11.08 -0.40 -8.32
C ILE A 341 -10.62 -0.72 -9.74
N ASN A 342 -10.29 0.35 -10.48
CA ASN A 342 -9.69 0.23 -11.79
C ASN A 342 -8.50 -0.73 -11.81
N LEU A 343 -7.62 -0.57 -10.83
CA LEU A 343 -6.47 -1.43 -10.69
C LEU A 343 -6.88 -2.89 -10.39
N SER A 344 -7.88 -3.08 -9.52
CA SER A 344 -8.36 -4.45 -9.21
C SER A 344 -8.93 -5.15 -10.44
N LEU A 345 -9.66 -4.40 -11.26
CA LEU A 345 -10.24 -4.94 -12.48
C LEU A 345 -9.17 -5.25 -13.53
N ASP A 346 -8.25 -4.32 -13.77
CA ASP A 346 -7.12 -4.57 -14.68
C ASP A 346 -6.42 -5.89 -14.36
N MET A 347 -6.01 -6.02 -13.10
CA MET A 347 -5.26 -7.18 -12.63
C MET A 347 -6.07 -8.46 -12.63
N GLY A 348 -7.26 -8.41 -12.04
CA GLY A 348 -8.12 -9.58 -11.96
C GLY A 348 -8.38 -10.18 -13.34
N TYR A 349 -8.69 -9.32 -14.31
CA TYR A 349 -9.00 -9.79 -15.65
C TYR A 349 -7.78 -10.30 -16.43
N TYR A 350 -6.63 -9.68 -16.18
CA TYR A 350 -5.33 -10.08 -16.73
C TYR A 350 -4.91 -11.48 -16.24
N ALA A 351 -5.19 -11.79 -14.99
CA ALA A 351 -4.81 -13.08 -14.41
C ALA A 351 -5.87 -14.15 -14.66
N LYS A 352 -7.10 -13.69 -14.91
CA LYS A 352 -8.27 -14.55 -15.09
C LYS A 352 -8.61 -15.24 -13.76
N ILE A 353 -8.80 -14.42 -12.73
CA ILE A 353 -9.17 -14.84 -11.39
C ILE A 353 -10.45 -14.13 -10.96
N GLN A 354 -11.07 -14.59 -9.88
CA GLN A 354 -12.11 -13.80 -9.22
C GLN A 354 -11.46 -12.47 -8.86
N ILE A 355 -12.19 -11.36 -9.02
CA ILE A 355 -11.59 -10.05 -8.74
C ILE A 355 -11.10 -9.90 -7.29
N GLN A 356 -11.81 -10.50 -6.34
CA GLN A 356 -11.41 -10.35 -4.94
C GLN A 356 -10.07 -11.05 -4.66
N SER A 357 -9.62 -11.90 -5.58
CA SER A 357 -8.32 -12.57 -5.44
C SER A 357 -7.12 -11.65 -5.63
N VAL A 358 -7.33 -10.42 -6.10
CA VAL A 358 -6.20 -9.48 -6.31
C VAL A 358 -5.49 -9.12 -5.00
N PHE A 359 -6.15 -9.41 -3.88
CA PHE A 359 -5.50 -9.34 -2.58
C PHE A 359 -4.40 -10.38 -2.38
N SER A 360 -4.42 -11.42 -3.21
CA SER A 360 -3.45 -12.53 -3.09
C SER A 360 -2.55 -12.60 -4.33
N PRO A 361 -1.30 -12.18 -4.20
CA PRO A 361 -0.35 -12.37 -5.31
C PRO A 361 0.01 -13.85 -5.62
N ILE A 362 -0.21 -14.73 -4.65
CA ILE A 362 0.02 -16.17 -4.87
C ILE A 362 -1.06 -16.71 -5.81
N LYS A 363 -2.32 -16.40 -5.52
CA LYS A 363 -3.44 -16.70 -6.40
C LYS A 363 -3.26 -16.08 -7.78
N THR A 364 -2.96 -14.77 -7.80
CA THR A 364 -2.75 -14.03 -9.04
C THR A 364 -1.66 -14.65 -9.91
N TRP A 365 -0.47 -14.87 -9.35
CA TRP A 365 0.61 -15.52 -10.10
C TRP A 365 0.33 -16.96 -10.47
N ASP A 366 -0.36 -17.70 -9.59
CA ASP A 366 -0.74 -19.09 -9.90
C ASP A 366 -1.58 -19.16 -11.16
N ALA A 367 -2.55 -18.26 -11.28
CA ALA A 367 -3.42 -18.20 -12.48
C ALA A 367 -2.69 -17.67 -13.72
N ILE A 368 -1.85 -16.64 -13.57
CA ILE A 368 -1.09 -16.15 -14.73
C ILE A 368 -0.20 -17.24 -15.34
N ILE A 369 0.54 -17.95 -14.47
CA ILE A 369 1.44 -19.03 -14.90
C ILE A 369 0.68 -20.26 -15.40
N PHE A 370 -0.40 -20.62 -14.71
CA PHE A 370 -1.30 -21.66 -15.19
C PHE A 370 -1.78 -21.38 -16.60
N ASN A 371 -2.24 -20.15 -16.84
CA ASN A 371 -2.75 -19.82 -18.18
C ASN A 371 -1.63 -19.86 -19.20
N SER A 372 -0.48 -19.31 -18.84
CA SER A 372 0.73 -19.35 -19.67
C SER A 372 1.09 -20.77 -20.08
N LEU A 373 1.09 -21.68 -19.12
CA LEU A 373 1.57 -23.01 -19.35
C LEU A 373 0.55 -23.86 -20.10
N LYS A 374 -0.73 -23.68 -19.77
CA LYS A 374 -1.83 -24.40 -20.42
C LYS A 374 -1.85 -24.14 -21.93
N GLU A 375 -1.58 -22.89 -22.27
CA GLU A 375 -1.49 -22.40 -23.65
C GLU A 375 -0.37 -23.09 -24.43
N GLN A 376 0.59 -23.67 -23.71
CA GLN A 376 1.67 -24.42 -24.36
C GLN A 376 1.45 -25.94 -24.23
N ASN A 377 0.27 -26.34 -23.76
CA ASN A 377 -0.08 -27.74 -23.47
C ASN A 377 0.72 -28.32 -22.32
N LYS A 378 1.32 -27.42 -21.55
CA LYS A 378 2.11 -27.83 -20.40
C LYS A 378 1.18 -28.06 -19.21
N VAL A 379 1.59 -28.94 -18.30
CA VAL A 379 0.77 -29.28 -17.14
C VAL A 379 1.44 -28.81 -15.84
N ILE A 380 0.71 -28.06 -15.03
CA ILE A 380 1.28 -27.48 -13.78
C ILE A 380 1.46 -28.55 -12.68
N PRO A 381 2.51 -28.41 -11.85
CA PRO A 381 2.74 -29.43 -10.80
C PRO A 381 1.73 -29.29 -9.65
N GLN A 382 1.52 -30.37 -8.90
CA GLN A 382 0.71 -30.30 -7.68
C GLN A 382 1.43 -29.43 -6.65
N GLY A 383 0.65 -28.61 -5.94
CA GLY A 383 1.14 -27.87 -4.79
C GLY A 383 1.53 -28.85 -3.70
N ARG A 384 2.62 -28.53 -2.98
CA ARG A 384 3.16 -29.47 -2.01
C ARG A 384 3.35 -28.85 -0.63
N SER A 385 3.45 -29.71 0.37
CA SER A 385 3.71 -29.31 1.73
C SER A 385 5.18 -28.91 1.87
N HIS A 386 5.44 -27.77 2.51
CA HIS A 386 6.81 -27.35 2.87
C HIS A 386 6.89 -26.73 4.26
N PRO A 387 7.99 -26.96 5.00
CA PRO A 387 8.19 -26.27 6.28
C PRO A 387 8.67 -24.82 6.07
N VAL A 388 8.20 -23.92 6.92
CA VAL A 388 8.65 -22.52 6.90
C VAL A 388 10.11 -22.49 7.36
N GLN A 389 10.96 -21.84 6.58
CA GLN A 389 12.40 -21.78 6.88
C GLN A 389 12.92 -20.38 6.60
N PRO A 390 13.75 -19.85 7.51
CA PRO A 390 14.36 -18.55 7.22
C PRO A 390 15.33 -18.68 6.06
N TYR A 391 15.57 -17.59 5.35
CA TYR A 391 16.53 -17.58 4.26
C TYR A 391 17.07 -16.17 4.04
N PRO A 392 18.27 -16.05 3.45
CA PRO A 392 18.91 -14.73 3.47
C PRO A 392 18.36 -13.80 2.41
N GLY A 393 18.44 -12.50 2.72
CA GLY A 393 17.91 -11.45 1.86
C GLY A 393 19.03 -10.56 1.37
N ALA A 394 18.85 -9.25 1.53
CA ALA A 394 19.69 -8.26 0.89
C ALA A 394 20.88 -7.85 1.75
N PHE A 395 21.87 -7.27 1.10
CA PHE A 395 22.98 -6.65 1.78
C PHE A 395 22.69 -5.16 2.02
N VAL A 396 23.04 -4.68 3.22
CA VAL A 396 22.95 -3.27 3.58
C VAL A 396 24.31 -2.87 4.14
N LYS A 397 24.91 -1.83 3.57
CA LYS A 397 26.20 -1.35 4.08
C LYS A 397 26.02 -0.59 5.38
N GLU A 398 26.99 -0.74 6.29
CA GLU A 398 27.07 0.03 7.53
C GLU A 398 27.75 1.38 7.23
N PRO A 399 26.97 2.49 7.32
CA PRO A 399 27.50 3.82 7.02
C PRO A 399 28.24 4.39 8.23
N ILE A 400 29.20 5.26 7.99
CA ILE A 400 29.80 6.00 9.09
C ILE A 400 28.83 7.14 9.44
N PRO A 401 28.28 7.14 10.68
CA PRO A 401 27.36 8.20 11.03
C PRO A 401 28.08 9.53 10.89
N ASN A 402 27.52 10.43 10.10
CA ASN A 402 28.15 11.70 9.85
C ASN A 402 27.19 12.56 9.07
N ARG A 403 27.59 13.81 8.88
CA ARG A 403 26.98 14.70 7.93
C ARG A 403 27.67 14.41 6.60
N TYR A 404 26.93 14.53 5.50
CA TYR A 404 27.50 14.35 4.17
C TYR A 404 26.93 15.47 3.29
N LYS A 405 27.82 16.31 2.76
CA LYS A 405 27.41 17.58 2.16
C LYS A 405 26.80 17.42 0.75
N TYR A 406 27.61 16.96 -0.20
CA TYR A 406 27.13 16.64 -1.55
C TYR A 406 27.07 15.13 -1.76
N VAL A 407 25.92 14.64 -2.25
CA VAL A 407 25.67 13.20 -2.42
C VAL A 407 24.91 12.93 -3.73
N MET A 408 25.35 11.90 -4.46
CA MET A 408 24.62 11.39 -5.59
C MET A 408 24.36 9.92 -5.37
N SER A 409 23.10 9.51 -5.51
CA SER A 409 22.73 8.13 -5.38
C SER A 409 22.40 7.52 -6.75
N PHE A 410 22.50 6.20 -6.80
CA PHE A 410 22.28 5.43 -8.02
C PHE A 410 21.54 4.19 -7.55
N ASP A 411 20.69 3.64 -8.41
CA ASP A 411 19.79 2.58 -8.01
C ASP A 411 19.42 1.70 -9.22
N LEU A 412 19.29 0.39 -8.99
CA LEU A 412 18.98 -0.51 -10.08
C LEU A 412 17.48 -0.47 -10.38
N THR A 413 17.14 -0.46 -11.67
CA THR A 413 15.75 -0.58 -12.12
C THR A 413 15.21 -1.95 -11.78
N SER A 414 14.04 -1.97 -11.13
CA SER A 414 13.28 -3.21 -10.90
C SER A 414 14.18 -4.44 -10.58
N LEU A 415 14.94 -4.36 -9.49
CA LEU A 415 16.07 -5.29 -9.23
C LEU A 415 15.71 -6.77 -9.24
N TYR A 416 14.89 -7.21 -8.30
CA TYR A 416 14.60 -8.66 -8.22
C TYR A 416 13.99 -9.23 -9.50
N PRO A 417 12.99 -8.55 -10.08
CA PRO A 417 12.48 -8.99 -11.38
C PRO A 417 13.53 -8.98 -12.50
N SER A 418 14.38 -7.96 -12.53
CA SER A 418 15.48 -7.87 -13.50
C SER A 418 16.49 -9.04 -13.31
N ILE A 419 16.73 -9.44 -12.06
CA ILE A 419 17.62 -10.56 -11.75
C ILE A 419 17.04 -11.87 -12.26
N ILE A 420 15.77 -12.09 -11.96
CA ILE A 420 14.99 -13.21 -12.48
C ILE A 420 15.18 -13.36 -13.98
N ARG A 421 15.05 -12.26 -14.71
CA ARG A 421 15.12 -12.26 -16.16
C ARG A 421 16.55 -12.39 -16.66
N GLN A 422 17.50 -11.76 -15.97
CA GLN A 422 18.92 -11.81 -16.35
C GLN A 422 19.50 -13.22 -16.18
N VAL A 423 19.21 -13.83 -15.04
CA VAL A 423 19.77 -15.12 -14.71
C VAL A 423 18.94 -16.25 -15.32
N ASN A 424 17.67 -15.94 -15.59
CA ASN A 424 16.68 -16.86 -16.17
C ASN A 424 16.18 -17.85 -15.10
N ILE A 425 15.82 -17.30 -13.94
CA ILE A 425 15.37 -18.09 -12.79
C ILE A 425 13.91 -18.54 -12.92
N SER A 426 13.68 -19.85 -12.92
CA SER A 426 12.34 -20.39 -13.08
C SER A 426 12.34 -21.83 -12.57
N PRO A 427 11.17 -22.36 -12.20
CA PRO A 427 11.16 -23.74 -11.71
C PRO A 427 11.73 -24.76 -12.71
N GLU A 428 11.49 -24.52 -14.01
CA GLU A 428 11.82 -25.50 -15.03
C GLU A 428 13.15 -25.23 -15.75
N THR A 429 13.88 -24.18 -15.33
CA THR A 429 15.13 -23.82 -16.03
C THR A 429 16.34 -24.13 -15.18
N ILE A 430 16.10 -24.73 -14.01
CA ILE A 430 17.18 -25.25 -13.17
C ILE A 430 18.00 -26.31 -13.89
N ALA A 431 19.29 -26.02 -14.09
CA ALA A 431 20.17 -26.84 -14.87
C ALA A 431 21.04 -27.74 -13.96
N GLY A 432 21.40 -27.23 -12.80
CA GLY A 432 22.26 -27.95 -11.85
C GLY A 432 22.83 -27.00 -10.81
N THR A 433 23.92 -27.40 -10.16
CA THR A 433 24.60 -26.58 -9.15
C THR A 433 26.12 -26.55 -9.38
N PHE A 434 26.80 -25.60 -8.74
CA PHE A 434 28.26 -25.55 -8.77
C PHE A 434 28.83 -25.28 -7.37
N LYS A 435 30.11 -25.61 -7.20
CA LYS A 435 30.78 -25.43 -5.91
C LYS A 435 30.97 -23.93 -5.60
N VAL A 436 30.42 -23.51 -4.47
CA VAL A 436 30.26 -22.09 -4.17
C VAL A 436 31.48 -21.52 -3.46
N ALA A 437 32.08 -20.50 -4.05
CA ALA A 437 33.15 -19.77 -3.35
C ALA A 437 32.49 -18.79 -2.36
N PRO A 438 33.23 -18.31 -1.34
CA PRO A 438 32.62 -17.29 -0.47
C PRO A 438 32.15 -16.09 -1.33
N LEU A 439 31.11 -15.40 -0.89
CA LEU A 439 30.53 -14.29 -1.65
C LEU A 439 31.58 -13.23 -2.05
N HIS A 440 32.43 -12.89 -1.10
CA HIS A 440 33.49 -11.89 -1.22
CA HIS A 440 33.40 -11.82 -1.32
C HIS A 440 34.41 -12.19 -2.42
N ASP A 441 34.54 -13.47 -2.73
CA ASP A 441 35.39 -13.89 -3.83
C ASP A 441 34.74 -13.58 -5.19
N TYR A 442 33.42 -13.67 -5.28
CA TYR A 442 32.69 -13.25 -6.49
C TYR A 442 32.65 -11.74 -6.60
N ILE A 443 32.47 -11.06 -5.48
CA ILE A 443 32.42 -9.59 -5.44
C ILE A 443 33.73 -8.99 -5.97
N ASN A 444 34.85 -9.62 -5.61
CA ASN A 444 36.17 -9.16 -6.03
C ASN A 444 36.69 -9.80 -7.30
N ALA A 445 35.82 -10.55 -7.97
CA ALA A 445 36.14 -11.16 -9.27
C ALA A 445 37.38 -12.05 -9.23
N VAL A 446 37.68 -12.62 -8.06
CA VAL A 446 38.83 -13.52 -7.93
C VAL A 446 38.46 -15.01 -7.95
N ALA A 447 37.20 -15.32 -7.68
CA ALA A 447 36.75 -16.72 -7.65
C ALA A 447 36.67 -17.27 -9.06
N GLU A 448 36.81 -18.59 -9.18
CA GLU A 448 36.68 -19.27 -10.45
C GLU A 448 35.34 -18.92 -11.09
N ARG A 449 35.35 -18.68 -12.40
CA ARG A 449 34.12 -18.45 -13.15
C ARG A 449 33.22 -19.69 -12.98
N PRO A 450 31.99 -19.50 -12.46
CA PRO A 450 31.17 -20.67 -12.09
C PRO A 450 30.87 -21.59 -13.27
N SER A 451 30.42 -21.03 -14.39
CA SER A 451 30.11 -21.86 -15.56
C SER A 451 30.35 -21.17 -16.88
N ASP A 452 30.85 -21.93 -17.85
CA ASP A 452 31.03 -21.47 -19.23
C ASP A 452 29.82 -21.85 -20.08
N VAL A 453 28.82 -22.48 -19.46
CA VAL A 453 27.71 -23.10 -20.17
C VAL A 453 26.33 -22.60 -19.70
N TYR A 454 26.16 -22.45 -18.40
CA TYR A 454 24.88 -22.05 -17.83
C TYR A 454 24.96 -20.67 -17.18
N SER A 455 23.80 -20.15 -16.84
CA SER A 455 23.63 -18.81 -16.30
C SER A 455 23.55 -18.96 -14.79
N CYS A 456 24.43 -18.26 -14.08
CA CYS A 456 24.62 -18.55 -12.67
C CYS A 456 24.27 -17.43 -11.71
N SER A 457 23.97 -17.85 -10.48
CA SER A 457 23.84 -16.99 -9.34
C SER A 457 24.87 -17.46 -8.30
N PRO A 458 25.47 -16.53 -7.54
CA PRO A 458 26.52 -16.83 -6.55
C PRO A 458 26.06 -17.68 -5.37
N ASN A 459 24.78 -18.07 -5.34
CA ASN A 459 24.32 -19.04 -4.34
C ASN A 459 24.53 -20.49 -4.80
N GLY A 460 25.20 -20.67 -5.93
CA GLY A 460 25.50 -22.02 -6.43
C GLY A 460 24.54 -22.57 -7.45
N MET A 461 23.52 -21.79 -7.82
CA MET A 461 22.51 -22.24 -8.77
C MET A 461 22.87 -21.92 -10.23
N MET A 462 22.61 -22.90 -11.09
CA MET A 462 22.82 -22.81 -12.53
C MET A 462 21.51 -23.01 -13.28
N TYR A 463 21.35 -22.24 -14.34
CA TYR A 463 20.11 -22.20 -15.14
C TYR A 463 20.43 -22.32 -16.62
N TYR A 464 19.52 -22.95 -17.35
CA TYR A 464 19.59 -23.02 -18.80
C TYR A 464 19.45 -21.62 -19.37
N LYS A 465 20.34 -21.28 -20.30
CA LYS A 465 20.33 -19.99 -20.99
C LYS A 465 19.47 -20.03 -22.23
N ASP A 466 19.24 -21.24 -22.73
CA ASP A 466 18.69 -21.44 -24.08
C ASP A 466 17.21 -21.10 -24.21
N ARG A 467 16.39 -21.70 -23.35
CA ARG A 467 14.94 -21.49 -23.41
C ARG A 467 14.52 -20.49 -22.34
N ASP A 468 13.38 -19.85 -22.54
CA ASP A 468 12.89 -18.87 -21.57
C ASP A 468 11.90 -19.52 -20.62
N GLY A 469 12.18 -19.42 -19.32
CA GLY A 469 11.29 -19.93 -18.30
C GLY A 469 9.98 -19.16 -18.26
N VAL A 470 8.94 -19.84 -17.83
CA VAL A 470 7.62 -19.22 -17.69
C VAL A 470 7.66 -18.01 -16.73
N VAL A 471 8.46 -18.11 -15.67
CA VAL A 471 8.54 -17.02 -14.68
C VAL A 471 9.17 -15.73 -15.27
N PRO A 472 10.40 -15.83 -15.84
CA PRO A 472 10.92 -14.67 -16.59
C PRO A 472 9.95 -14.15 -17.63
N THR A 473 9.35 -15.03 -18.43
CA THR A 473 8.44 -14.63 -19.50
C THR A 473 7.28 -13.78 -18.99
N GLU A 474 6.59 -14.28 -17.97
CA GLU A 474 5.43 -13.58 -17.42
C GLU A 474 5.76 -12.37 -16.56
N ILE A 475 6.90 -12.40 -15.85
CA ILE A 475 7.34 -11.25 -15.08
C ILE A 475 7.72 -10.11 -16.04
N THR A 476 8.34 -10.44 -17.17
CA THR A 476 8.69 -9.48 -18.21
C THR A 476 7.47 -8.73 -18.73
N LYS A 477 6.37 -9.44 -19.01
CA LYS A 477 5.16 -8.79 -19.54
C LYS A 477 4.67 -7.73 -18.56
N VAL A 478 4.55 -8.07 -17.28
CA VAL A 478 4.06 -7.11 -16.28
C VAL A 478 5.08 -5.98 -15.99
N PHE A 479 6.38 -6.28 -16.03
CA PHE A 479 7.42 -5.23 -15.89
C PHE A 479 7.30 -4.15 -16.99
N ASN A 480 7.04 -4.56 -18.23
CA ASN A 480 6.91 -3.62 -19.34
C ASN A 480 5.68 -2.72 -19.17
N GLN A 481 4.60 -3.26 -18.60
CA GLN A 481 3.42 -2.45 -18.23
C GLN A 481 3.75 -1.42 -17.16
N ARG A 482 4.49 -1.84 -16.16
CA ARG A 482 4.94 -0.95 -15.09
C ARG A 482 5.82 0.19 -15.61
N LYS A 483 6.78 -0.16 -16.46
CA LYS A 483 7.66 0.79 -17.11
C LYS A 483 6.86 1.89 -17.81
N GLU A 484 5.84 1.51 -18.57
CA GLU A 484 5.02 2.48 -19.30
C GLU A 484 4.26 3.40 -18.36
N HIS A 485 3.62 2.81 -17.36
CA HIS A 485 2.91 3.61 -16.36
C HIS A 485 3.82 4.53 -15.56
N LYS A 486 5.02 4.06 -15.24
CA LYS A 486 5.95 4.88 -14.46
C LYS A 486 6.42 6.04 -15.31
N GLY A 487 6.60 5.78 -16.61
CA GLY A 487 6.90 6.81 -17.60
C GLY A 487 5.90 7.96 -17.57
N TYR A 488 4.60 7.63 -17.55
CA TYR A 488 3.54 8.64 -17.47
C TYR A 488 3.57 9.39 -16.14
N MET A 489 3.78 8.63 -15.07
CA MET A 489 3.82 9.22 -13.73
C MET A 489 4.93 10.25 -13.57
N LEU A 490 6.13 9.95 -14.08
CA LEU A 490 7.25 10.89 -13.95
C LEU A 490 7.06 12.12 -14.85
N ALA A 491 6.46 11.95 -16.02
CA ALA A 491 6.12 13.11 -16.88
C ALA A 491 5.17 14.07 -16.18
N ALA A 492 4.11 13.54 -15.57
CA ALA A 492 3.18 14.36 -14.80
C ALA A 492 3.86 15.04 -13.60
N GLN A 493 4.84 14.35 -13.04
CA GLN A 493 5.63 14.89 -11.93
C GLN A 493 6.50 16.04 -12.41
N ARG A 494 7.17 15.85 -13.55
CA ARG A 494 8.01 16.90 -14.12
C ARG A 494 7.17 18.10 -14.50
N ASN A 495 5.98 17.83 -15.05
CA ASN A 495 5.05 18.87 -15.48
C ASN A 495 4.54 19.66 -14.28
N GLY A 496 4.37 18.95 -13.16
CA GLY A 496 3.95 19.55 -11.91
C GLY A 496 4.98 20.53 -11.38
N GLU A 497 6.26 20.21 -11.51
CA GLU A 497 7.32 21.12 -11.12
C GLU A 497 7.41 22.32 -12.07
N ILE A 498 7.10 22.13 -13.36
CA ILE A 498 7.06 23.25 -14.30
C ILE A 498 6.03 24.29 -13.84
N ILE A 499 4.86 23.79 -13.43
CA ILE A 499 3.77 24.67 -12.98
C ILE A 499 4.12 25.35 -11.63
N LYS A 500 4.69 24.59 -10.68
CA LYS A 500 5.07 25.16 -9.39
C LYS A 500 6.04 26.32 -9.59
N GLU A 501 7.03 26.11 -10.45
CA GLU A 501 8.01 27.14 -10.82
C GLU A 501 7.31 28.37 -11.40
N ALA A 502 6.35 28.15 -12.30
CA ALA A 502 5.59 29.25 -12.89
C ALA A 502 4.76 29.97 -11.82
N LEU A 503 4.35 29.23 -10.80
CA LEU A 503 3.57 29.82 -9.71
C LEU A 503 4.34 30.85 -8.89
N HIS A 504 5.65 30.86 -9.02
CA HIS A 504 6.50 31.86 -8.36
C HIS A 504 6.27 33.25 -8.94
N ASN A 505 6.01 33.31 -10.24
CA ASN A 505 5.65 34.58 -10.88
C ASN A 505 4.36 34.49 -11.69
N PRO A 506 3.22 34.35 -10.97
CA PRO A 506 1.94 34.20 -11.62
C PRO A 506 1.53 35.51 -12.30
N ASN A 507 0.70 35.43 -13.34
CA ASN A 507 0.33 36.64 -14.06
C ASN A 507 -1.01 37.19 -13.62
N LEU A 508 -1.22 38.48 -13.85
CA LEU A 508 -2.46 39.17 -13.50
C LEU A 508 -3.34 39.31 -14.74
N SER A 509 -3.99 38.20 -15.09
CA SER A 509 -4.84 38.12 -16.29
C SER A 509 -6.01 37.20 -15.99
N VAL A 510 -6.87 36.99 -17.00
CA VAL A 510 -7.93 35.98 -16.92
C VAL A 510 -8.44 35.55 -18.31
N ASP A 511 -8.16 34.33 -18.79
CA ASP A 511 -7.18 33.32 -18.30
C ASP A 511 -7.75 31.96 -17.88
N GLU A 512 -7.39 30.93 -18.63
CA GLU A 512 -7.97 29.60 -18.47
C GLU A 512 -6.90 28.50 -18.45
N PRO A 513 -7.11 27.43 -17.66
CA PRO A 513 -6.20 26.29 -17.71
C PRO A 513 -6.02 25.76 -19.12
N LEU A 514 -4.78 25.41 -19.46
CA LEU A 514 -4.49 24.88 -20.80
C LEU A 514 -4.98 23.43 -20.92
N ASP A 515 -5.49 23.09 -22.09
CA ASP A 515 -6.04 21.77 -22.36
C ASP A 515 -4.94 20.84 -22.86
N VAL A 516 -4.23 20.26 -21.89
CA VAL A 516 -3.03 19.47 -22.16
C VAL A 516 -3.20 18.07 -21.56
N ASP A 517 -2.40 17.12 -22.04
CA ASP A 517 -2.34 15.77 -21.48
C ASP A 517 -1.10 15.69 -20.59
N TYR A 518 -1.33 15.63 -19.29
CA TYR A 518 -0.28 15.73 -18.28
C TYR A 518 0.65 14.53 -18.24
N ARG A 519 0.30 13.46 -18.96
CA ARG A 519 1.11 12.23 -19.04
C ARG A 519 2.32 12.38 -19.97
N PHE A 520 2.38 13.50 -20.68
CA PHE A 520 3.46 13.76 -21.61
C PHE A 520 4.14 15.07 -21.25
N ASP A 521 5.47 15.06 -21.29
CA ASP A 521 6.27 16.25 -21.06
C ASP A 521 5.80 17.44 -21.89
N PHE A 522 5.54 18.56 -21.22
CA PHE A 522 5.12 19.78 -21.90
C PHE A 522 6.10 20.19 -22.99
N SER A 523 5.58 20.55 -24.16
CA SER A 523 6.38 21.15 -25.23
C SER A 523 6.80 22.58 -24.84
N ASP A 524 7.79 23.12 -25.54
CA ASP A 524 8.21 24.53 -25.38
C ASP A 524 7.06 25.52 -25.51
N GLU A 525 6.20 25.34 -26.53
CA GLU A 525 5.05 26.22 -26.73
C GLU A 525 4.22 26.28 -25.44
N ILE A 526 3.85 25.10 -24.94
CA ILE A 526 3.04 24.97 -23.73
C ILE A 526 3.74 25.57 -22.52
N LYS A 527 5.04 25.35 -22.39
CA LYS A 527 5.82 25.94 -21.29
C LYS A 527 5.86 27.47 -21.35
N GLU A 528 5.85 28.03 -22.55
CA GLU A 528 5.82 29.48 -22.70
C GLU A 528 4.45 30.04 -22.37
N LYS A 529 3.41 29.35 -22.85
CA LYS A 529 2.05 29.69 -22.46
C LYS A 529 1.90 29.60 -20.94
N ILE A 530 2.48 28.56 -20.33
CA ILE A 530 2.41 28.42 -18.87
C ILE A 530 3.02 29.61 -18.13
N LYS A 531 4.13 30.13 -18.61
CA LYS A 531 4.81 31.29 -17.98
C LYS A 531 4.02 32.60 -18.05
N LYS A 532 2.90 32.58 -18.76
CA LYS A 532 2.08 33.76 -18.96
C LYS A 532 0.74 33.63 -18.23
N LEU A 533 0.52 32.47 -17.60
CA LEU A 533 -0.75 32.17 -16.95
C LEU A 533 -0.93 32.80 -15.57
N SER A 534 -2.20 33.01 -15.19
CA SER A 534 -2.58 33.45 -13.85
C SER A 534 -2.43 32.35 -12.80
N ALA A 535 -2.40 32.77 -11.53
CA ALA A 535 -2.35 31.85 -10.40
C ALA A 535 -3.55 30.89 -10.37
N LYS A 536 -4.74 31.44 -10.57
CA LYS A 536 -5.97 30.65 -10.65
C LYS A 536 -5.80 29.49 -11.63
N SER A 537 -5.46 29.81 -12.89
CA SER A 537 -5.28 28.82 -13.93
C SER A 537 -4.14 27.86 -13.60
N LEU A 538 -3.02 28.41 -13.12
CA LEU A 538 -1.88 27.59 -12.75
C LEU A 538 -2.24 26.59 -11.67
N ASN A 539 -3.02 27.03 -10.68
CA ASN A 539 -3.43 26.18 -9.60
C ASN A 539 -4.34 25.03 -9.99
N GLU A 540 -5.19 25.27 -10.98
CA GLU A 540 -6.07 24.25 -11.48
C GLU A 540 -5.28 23.24 -12.31
N MET A 541 -4.31 23.74 -13.10
CA MET A 541 -3.39 22.87 -13.81
C MET A 541 -2.52 21.99 -12.89
N LEU A 542 -2.11 22.55 -11.74
CA LEU A 542 -1.29 21.82 -10.79
C LEU A 542 -2.10 20.67 -10.20
N PHE A 543 -3.34 20.95 -9.83
CA PHE A 543 -4.24 19.93 -9.31
C PHE A 543 -4.38 18.77 -10.30
N ARG A 544 -4.63 19.12 -11.57
CA ARG A 544 -4.79 18.10 -12.61
C ARG A 544 -3.48 17.32 -12.86
N ALA A 545 -2.35 18.03 -12.81
CA ALA A 545 -1.05 17.39 -12.94
C ALA A 545 -0.83 16.37 -11.84
N GLN A 546 -1.18 16.77 -10.61
CA GLN A 546 -0.98 15.91 -9.45
C GLN A 546 -1.92 14.73 -9.44
N ARG A 547 -3.16 14.94 -9.89
CA ARG A 547 -4.12 13.86 -10.04
C ARG A 547 -3.63 12.82 -11.06
N THR A 548 -3.07 13.32 -12.17
CA THR A 548 -2.48 12.46 -13.19
C THR A 548 -1.29 11.67 -12.60
N GLU A 549 -0.46 12.33 -11.81
CA GLU A 549 0.69 11.68 -11.20
C GLU A 549 0.24 10.56 -10.26
N VAL A 550 -0.80 10.85 -9.47
CA VAL A 550 -1.36 9.91 -8.50
C VAL A 550 -1.93 8.64 -9.16
N ALA A 551 -2.72 8.82 -10.22
CA ALA A 551 -3.17 7.69 -11.05
C ALA A 551 -1.99 6.89 -11.60
N GLY A 552 -1.00 7.61 -12.14
CA GLY A 552 0.25 7.00 -12.64
C GLY A 552 0.92 6.17 -11.55
N MET A 553 0.97 6.73 -10.33
CA MET A 553 1.59 6.08 -9.19
C MET A 553 0.90 4.77 -8.86
N THR A 554 -0.42 4.80 -8.74
CA THR A 554 -1.20 3.62 -8.39
C THR A 554 -0.90 2.50 -9.37
N ALA A 555 -1.02 2.82 -10.67
CA ALA A 555 -0.78 1.89 -11.75
C ALA A 555 0.62 1.30 -11.70
N GLN A 556 1.62 2.17 -11.53
CA GLN A 556 3.00 1.73 -11.60
C GLN A 556 3.46 1.01 -10.32
N ILE A 557 3.15 1.58 -9.15
CA ILE A 557 3.69 1.03 -7.92
C ILE A 557 3.08 -0.33 -7.60
N ASN A 558 1.88 -0.58 -8.09
CA ASN A 558 1.20 -1.82 -7.76
C ASN A 558 1.51 -2.94 -8.76
N ARG A 559 1.91 -2.56 -9.96
CA ARG A 559 2.55 -3.51 -10.84
C ARG A 559 3.95 -3.86 -10.33
N LYS A 560 4.69 -2.87 -9.83
CA LYS A 560 5.96 -3.15 -9.16
C LYS A 560 5.75 -4.09 -7.97
N LEU A 561 4.72 -3.84 -7.15
CA LEU A 561 4.43 -4.74 -6.04
C LEU A 561 4.12 -6.14 -6.56
N LEU A 562 3.35 -6.25 -7.64
CA LEU A 562 3.01 -7.57 -8.18
C LEU A 562 4.26 -8.36 -8.58
N ILE A 563 5.13 -7.77 -9.39
CA ILE A 563 6.32 -8.49 -9.85
C ILE A 563 7.33 -8.76 -8.72
N ASN A 564 7.40 -7.86 -7.73
CA ASN A 564 8.24 -8.09 -6.56
C ASN A 564 7.68 -9.22 -5.69
N SER A 565 6.36 -9.31 -5.62
CA SER A 565 5.67 -10.37 -4.89
C SER A 565 5.88 -11.78 -5.51
N LEU A 566 6.22 -11.84 -6.79
CA LEU A 566 6.56 -13.11 -7.42
C LEU A 566 7.90 -13.61 -6.88
N ALA A 567 8.82 -12.66 -6.68
CA ALA A 567 10.12 -12.96 -6.08
C ALA A 567 9.99 -13.46 -4.64
N GLY A 568 9.11 -12.81 -3.88
CA GLY A 568 8.79 -13.18 -2.51
C GLY A 568 8.02 -14.49 -2.40
N ALA A 569 7.13 -14.73 -3.37
CA ALA A 569 6.28 -15.91 -3.37
C ALA A 569 7.08 -17.19 -3.57
N LEU A 570 8.21 -17.12 -4.26
CA LEU A 570 9.14 -18.26 -4.35
C LEU A 570 9.63 -18.69 -2.97
N GLY A 571 9.44 -17.81 -2.00
CA GLY A 571 9.89 -18.02 -0.62
C GLY A 571 8.76 -18.18 0.37
N ASN A 572 7.54 -18.30 -0.15
CA ASN A 572 6.36 -18.60 0.65
C ASN A 572 5.87 -20.01 0.34
N VAL A 573 5.62 -20.78 1.41
CA VAL A 573 5.40 -22.24 1.30
C VAL A 573 4.07 -22.61 0.62
N TRP A 574 3.17 -21.63 0.51
CA TRP A 574 1.86 -21.83 -0.11
C TRP A 574 1.84 -21.61 -1.62
N PHE A 575 2.99 -21.23 -2.17
CA PHE A 575 3.12 -21.00 -3.61
C PHE A 575 3.48 -22.30 -4.31
N ARG A 576 2.79 -22.56 -5.43
CA ARG A 576 2.95 -23.80 -6.18
C ARG A 576 4.40 -23.97 -6.59
N TYR A 577 5.10 -22.84 -6.81
CA TYR A 577 6.47 -22.91 -7.31
C TYR A 577 7.45 -22.49 -6.23
N TYR A 578 7.04 -22.68 -4.99
CA TYR A 578 7.90 -22.42 -3.86
C TYR A 578 9.20 -23.17 -4.08
N ASP A 579 10.31 -22.45 -3.96
CA ASP A 579 11.63 -23.02 -4.10
C ASP A 579 12.68 -22.07 -3.54
N LEU A 580 13.22 -22.41 -2.37
CA LEU A 580 14.23 -21.59 -1.69
C LEU A 580 15.55 -21.47 -2.48
N ARG A 581 15.84 -22.43 -3.33
CA ARG A 581 17.01 -22.34 -4.22
C ARG A 581 16.81 -21.21 -5.25
N ASN A 582 15.56 -20.96 -5.64
CA ASN A 582 15.27 -19.83 -6.55
C ASN A 582 15.11 -18.49 -5.79
N ALA A 583 14.53 -18.55 -4.61
CA ALA A 583 14.33 -17.35 -3.80
C ALA A 583 15.70 -16.79 -3.42
N THR A 584 16.62 -17.66 -2.94
CA THR A 584 17.96 -17.19 -2.59
C THR A 584 18.85 -16.94 -3.81
N ALA A 585 18.49 -17.47 -4.98
CA ALA A 585 19.32 -17.23 -6.14
C ALA A 585 19.21 -15.75 -6.51
N ILE A 586 18.01 -15.20 -6.30
CA ILE A 586 17.74 -13.78 -6.47
C ILE A 586 18.43 -12.93 -5.39
N THR A 587 18.21 -13.28 -4.12
CA THR A 587 18.67 -12.39 -3.04
C THR A 587 20.18 -12.35 -3.01
N THR A 588 20.82 -13.50 -3.29
CA THR A 588 22.27 -13.61 -3.24
C THR A 588 22.95 -12.89 -4.41
N PHE A 589 22.37 -13.02 -5.60
CA PHE A 589 22.79 -12.28 -6.79
C PHE A 589 22.71 -10.77 -6.53
N GLY A 590 21.65 -10.36 -5.84
CA GLY A 590 21.43 -8.96 -5.48
C GLY A 590 22.54 -8.48 -4.57
N GLN A 591 22.91 -9.32 -3.60
CA GLN A 591 24.00 -8.97 -2.66
C GLN A 591 25.29 -8.76 -3.41
N MET A 592 25.57 -9.65 -4.38
CA MET A 592 26.79 -9.55 -5.20
C MET A 592 26.76 -8.29 -6.08
N ALA A 593 25.66 -8.10 -6.79
CA ALA A 593 25.50 -6.92 -7.66
C ALA A 593 25.80 -5.62 -6.89
N LEU A 594 25.17 -5.43 -5.74
CA LEU A 594 25.40 -4.22 -4.94
C LEU A 594 26.87 -4.01 -4.60
N GLN A 595 27.53 -5.04 -4.07
CA GLN A 595 28.89 -4.89 -3.59
C GLN A 595 29.90 -4.86 -4.71
N TRP A 596 29.58 -5.57 -5.79
CA TRP A 596 30.39 -5.54 -6.99
C TRP A 596 30.44 -4.13 -7.53
N ILE A 597 29.28 -3.47 -7.59
CA ILE A 597 29.21 -2.16 -8.21
C ILE A 597 29.76 -1.09 -7.26
N GLU A 598 29.76 -1.38 -5.95
CA GLU A 598 30.38 -0.46 -4.98
C GLU A 598 31.88 -0.45 -5.27
N ARG A 599 32.47 -1.63 -5.45
CA ARG A 599 33.88 -1.73 -5.81
C ARG A 599 34.25 -1.02 -7.12
N LYS A 600 33.43 -1.20 -8.15
CA LYS A 600 33.66 -0.59 -9.47
C LYS A 600 33.53 0.94 -9.47
N VAL A 601 32.60 1.48 -8.69
CA VAL A 601 32.41 2.93 -8.59
C VAL A 601 33.58 3.56 -7.82
N ASN A 602 34.01 2.93 -6.71
CA ASN A 602 35.21 3.36 -6.00
C ASN A 602 36.44 3.35 -6.89
N GLU A 603 36.66 2.21 -7.57
CA GLU A 603 37.77 2.08 -8.50
C GLU A 603 37.78 3.12 -9.62
N TYR A 604 36.59 3.42 -10.16
CA TYR A 604 36.49 4.41 -11.24
C TYR A 604 36.77 5.82 -10.71
N LEU A 605 36.15 6.16 -9.59
CA LEU A 605 36.28 7.50 -9.06
C LEU A 605 37.69 7.78 -8.54
N ASN A 606 38.32 6.77 -7.93
CA ASN A 606 39.75 6.79 -7.63
C ASN A 606 40.61 6.98 -8.86
N GLU A 607 40.26 6.29 -9.95
CA GLU A 607 41.00 6.39 -11.19
C GLU A 607 40.94 7.83 -11.72
N VAL A 608 39.73 8.39 -11.80
CA VAL A 608 39.56 9.77 -12.30
C VAL A 608 40.20 10.84 -11.41
N CYS A 609 40.21 10.63 -10.10
CA CYS A 609 40.87 11.57 -9.18
C CYS A 609 42.38 11.29 -9.10
N GLY A 610 42.85 10.25 -9.79
CA GLY A 610 44.26 9.89 -9.74
C GLY A 610 44.73 9.42 -8.37
N THR A 611 43.80 8.98 -7.54
CA THR A 611 44.15 8.43 -6.24
C THR A 611 43.99 6.90 -6.23
N GLU A 612 43.99 6.32 -5.03
CA GLU A 612 43.94 4.88 -4.84
C GLU A 612 43.31 4.55 -3.49
N GLY A 613 42.29 3.69 -3.52
CA GLY A 613 41.72 3.14 -2.30
C GLY A 613 40.83 4.03 -1.46
N GLU A 614 40.46 5.22 -1.97
CA GLU A 614 39.50 6.08 -1.28
C GLU A 614 38.10 5.53 -1.45
N ALA A 615 37.32 5.56 -0.38
CA ALA A 615 35.95 5.06 -0.38
C ALA A 615 34.99 6.20 -0.70
N PHE A 616 34.45 6.19 -1.92
CA PHE A 616 33.48 7.18 -2.39
C PHE A 616 32.04 6.78 -2.09
N VAL A 617 31.73 5.50 -2.24
CA VAL A 617 30.44 4.98 -1.84
C VAL A 617 30.39 4.93 -0.31
N LEU A 618 29.43 5.67 0.27
CA LEU A 618 29.35 5.87 1.70
C LEU A 618 28.29 4.98 2.33
N TYR A 619 27.41 4.46 1.48
CA TYR A 619 26.25 3.69 1.90
C TYR A 619 25.58 2.99 0.71
N GLY A 620 24.89 1.90 1.00
CA GLY A 620 24.07 1.20 0.03
C GLY A 620 23.10 0.29 0.74
N ASP A 621 21.96 0.03 0.12
CA ASP A 621 20.92 -0.80 0.68
C ASP A 621 20.23 -1.56 -0.45
N THR A 622 20.42 -2.88 -0.47
CA THR A 622 19.78 -3.78 -1.43
C THR A 622 20.25 -3.60 -2.89
N ASP A 623 19.97 -2.44 -3.48
CA ASP A 623 20.22 -2.20 -4.90
C ASP A 623 20.65 -0.75 -5.19
N SER A 624 20.98 0.01 -4.15
CA SER A 624 21.25 1.43 -4.30
C SER A 624 22.61 1.76 -3.71
N ILE A 625 23.28 2.76 -4.28
CA ILE A 625 24.51 3.30 -3.69
C ILE A 625 24.42 4.81 -3.49
N TYR A 626 25.09 5.30 -2.45
CA TYR A 626 25.16 6.73 -2.17
C TYR A 626 26.63 7.14 -2.24
N VAL A 627 26.92 8.10 -3.11
CA VAL A 627 28.30 8.45 -3.46
C VAL A 627 28.56 9.89 -3.00
N SER A 628 29.64 10.07 -2.22
CA SER A 628 30.06 11.43 -1.83
C SER A 628 30.53 12.22 -3.04
N ALA A 629 29.88 13.36 -3.30
CA ALA A 629 30.26 14.22 -4.41
C ALA A 629 31.07 15.45 -3.99
N ASP A 630 31.62 15.45 -2.77
CA ASP A 630 32.33 16.61 -2.22
C ASP A 630 33.55 17.01 -3.04
N LYS A 631 34.43 16.04 -3.28
CA LYS A 631 35.64 16.29 -4.06
C LYS A 631 35.33 16.76 -5.47
N ILE A 632 34.29 16.21 -6.08
CA ILE A 632 33.87 16.61 -7.44
C ILE A 632 33.50 18.10 -7.46
N ILE A 633 32.74 18.54 -6.46
CA ILE A 633 32.43 19.96 -6.30
C ILE A 633 33.68 20.76 -5.94
N ASP A 634 34.46 20.25 -4.99
CA ASP A 634 35.60 21.00 -4.45
C ASP A 634 36.74 21.18 -5.44
N LYS A 635 36.83 20.26 -6.39
CA LYS A 635 37.84 20.33 -7.44
C LYS A 635 37.62 21.50 -8.38
N VAL A 636 36.37 21.72 -8.80
CA VAL A 636 36.07 22.83 -9.71
C VAL A 636 36.02 24.18 -8.99
N GLY A 637 35.61 24.19 -7.72
CA GLY A 637 35.66 25.41 -6.93
C GLY A 637 34.55 25.62 -5.90
N GLU A 638 33.35 25.91 -6.41
CA GLU A 638 32.19 26.25 -5.60
C GLU A 638 31.81 27.71 -5.82
N SER A 639 32.83 28.58 -5.89
CA SER A 639 32.63 29.99 -6.23
C SER A 639 32.40 30.16 -7.73
N LYS A 640 32.70 29.10 -8.49
CA LYS A 640 32.53 29.11 -9.93
C LYS A 640 31.07 28.87 -10.33
N PHE A 641 30.23 28.51 -9.36
CA PHE A 641 28.83 28.23 -9.64
C PHE A 641 27.94 29.45 -9.43
N ARG A 642 27.17 29.83 -10.44
CA ARG A 642 26.31 31.03 -10.37
C ARG A 642 25.21 30.87 -9.34
N ASP A 643 24.73 29.64 -9.18
CA ASP A 643 23.62 29.32 -8.29
C ASP A 643 23.58 27.81 -8.00
N THR A 644 22.66 27.38 -7.14
CA THR A 644 22.52 25.96 -6.76
C THR A 644 22.28 25.07 -7.98
N ASN A 645 21.37 25.52 -8.85
CA ASN A 645 21.00 24.78 -10.05
C ASN A 645 22.17 24.57 -10.98
N HIS A 646 23.12 25.51 -10.97
CA HIS A 646 24.34 25.38 -11.74
C HIS A 646 25.17 24.15 -11.28
N TRP A 647 25.36 23.97 -9.96
CA TRP A 647 26.07 22.77 -9.50
C TRP A 647 25.26 21.48 -9.58
N VAL A 648 23.94 21.58 -9.46
CA VAL A 648 23.07 20.41 -9.63
C VAL A 648 23.20 19.94 -11.07
N ASP A 649 23.12 20.88 -12.02
CA ASP A 649 23.36 20.62 -13.44
C ASP A 649 24.70 19.93 -13.68
N PHE A 650 25.73 20.42 -13.01
CA PHE A 650 27.09 19.89 -13.12
C PHE A 650 27.14 18.45 -12.62
N LEU A 651 26.61 18.19 -11.41
CA LEU A 651 26.57 16.80 -10.91
C LEU A 651 25.71 15.84 -11.77
N ASP A 652 24.59 16.35 -12.29
CA ASP A 652 23.72 15.61 -13.22
C ASP A 652 24.47 15.17 -14.47
N LYS A 653 25.16 16.13 -15.09
CA LYS A 653 25.97 15.84 -16.26
C LYS A 653 27.09 14.83 -15.96
N PHE A 654 27.73 14.99 -14.80
CA PHE A 654 28.81 14.09 -14.39
C PHE A 654 28.32 12.64 -14.24
N ALA A 655 27.20 12.45 -13.54
CA ALA A 655 26.63 11.12 -13.34
C ALA A 655 26.23 10.48 -14.66
N ARG A 656 25.62 11.28 -15.54
CA ARG A 656 25.09 10.71 -16.79
C ARG A 656 26.21 10.35 -17.76
N GLU A 657 27.14 11.29 -17.94
CA GLU A 657 28.17 11.16 -18.96
C GLU A 657 29.42 10.42 -18.49
N ARG A 658 29.63 10.34 -17.18
CA ARG A 658 30.85 9.75 -16.63
C ARG A 658 30.60 8.48 -15.84
N MET A 659 29.74 8.60 -14.85
CA MET A 659 29.51 7.52 -13.90
C MET A 659 28.65 6.39 -14.42
N GLU A 660 27.52 6.72 -15.05
CA GLU A 660 26.64 5.68 -15.62
C GLU A 660 27.33 4.81 -16.67
N PRO A 661 28.14 5.40 -17.57
CA PRO A 661 28.84 4.47 -18.47
C PRO A 661 29.86 3.58 -17.74
N ALA A 662 30.57 4.12 -16.75
CA ALA A 662 31.45 3.28 -15.91
C ALA A 662 30.67 2.18 -15.19
N ILE A 663 29.51 2.54 -14.66
CA ILE A 663 28.63 1.58 -14.00
C ILE A 663 28.14 0.54 -15.01
N ASP A 664 27.79 0.99 -16.22
CA ASP A 664 27.36 0.10 -17.29
C ASP A 664 28.40 -0.96 -17.65
N ARG A 665 29.65 -0.55 -17.90
CA ARG A 665 30.75 -1.51 -18.13
C ARG A 665 30.92 -2.50 -16.97
N GLY A 666 30.90 -2.00 -15.74
CA GLY A 666 31.04 -2.83 -14.53
C GLY A 666 30.05 -3.97 -14.47
N PHE A 667 28.79 -3.67 -14.75
CA PHE A 667 27.72 -4.66 -14.70
C PHE A 667 27.72 -5.63 -15.90
N ARG A 668 28.13 -5.14 -17.06
CA ARG A 668 28.32 -5.99 -18.23
C ARG A 668 29.39 -7.06 -17.98
N GLU A 669 30.46 -6.66 -17.29
CA GLU A 669 31.50 -7.61 -16.90
C GLU A 669 30.96 -8.65 -15.90
N MET A 670 30.12 -8.20 -14.98
CA MET A 670 29.50 -9.10 -14.02
C MET A 670 28.62 -10.17 -14.72
N CYS A 671 27.89 -9.73 -15.73
CA CYS A 671 27.05 -10.60 -16.55
C CYS A 671 27.87 -11.69 -17.24
N GLU A 672 29.02 -11.31 -17.82
CA GLU A 672 29.95 -12.27 -18.40
C GLU A 672 30.51 -13.26 -17.38
N TYR A 673 30.83 -12.74 -16.19
CA TYR A 673 31.36 -13.51 -15.10
C TYR A 673 30.39 -14.60 -14.70
N MET A 674 29.11 -14.26 -14.56
CA MET A 674 28.08 -15.22 -14.19
C MET A 674 27.49 -15.94 -15.40
N ASN A 675 28.01 -15.61 -16.59
CA ASN A 675 27.54 -16.20 -17.84
C ASN A 675 26.00 -16.13 -17.96
N ASN A 676 25.42 -14.98 -17.63
CA ASN A 676 23.97 -14.83 -17.59
C ASN A 676 23.35 -14.74 -18.97
N LYS A 677 22.04 -14.89 -19.00
CA LYS A 677 21.28 -14.91 -20.24
C LYS A 677 21.20 -13.54 -20.91
N GLN A 678 20.93 -12.50 -20.13
CA GLN A 678 20.73 -11.14 -20.67
C GLN A 678 21.16 -10.11 -19.65
N HIS A 679 21.94 -9.13 -20.08
CA HIS A 679 22.36 -8.05 -19.20
C HIS A 679 21.19 -7.09 -18.94
N LEU A 680 20.77 -7.04 -17.68
CA LEU A 680 19.60 -6.26 -17.28
C LEU A 680 19.81 -5.48 -15.98
N MET A 681 21.07 -5.32 -15.58
CA MET A 681 21.41 -4.57 -14.39
C MET A 681 21.59 -3.13 -14.86
N PHE A 682 20.51 -2.35 -14.76
CA PHE A 682 20.52 -0.99 -15.26
C PHE A 682 20.45 -0.05 -14.04
N MET A 683 21.58 0.55 -13.71
CA MET A 683 21.66 1.39 -12.51
C MET A 683 21.74 2.83 -12.98
N ASP A 684 20.70 3.61 -12.68
CA ASP A 684 20.66 5.04 -13.06
C ASP A 684 20.81 5.94 -11.83
N ARG A 685 21.26 7.17 -12.07
CA ARG A 685 21.31 8.17 -11.02
C ARG A 685 19.91 8.39 -10.49
N GLU A 686 19.80 8.44 -9.16
CA GLU A 686 18.54 8.70 -8.51
C GLU A 686 18.52 10.11 -7.93
N ALA A 687 19.20 10.34 -6.80
CA ALA A 687 19.15 11.65 -6.15
C ALA A 687 20.38 12.53 -6.39
N ILE A 688 20.16 13.84 -6.37
CA ILE A 688 21.26 14.79 -6.25
C ILE A 688 20.97 15.64 -5.02
N ALA A 689 21.84 15.55 -4.02
CA ALA A 689 21.59 16.21 -2.75
C ALA A 689 22.72 17.12 -2.39
N GLY A 690 22.40 18.16 -1.61
CA GLY A 690 23.37 19.16 -1.17
C GLY A 690 22.69 20.36 -0.53
N PRO A 691 23.48 21.19 0.18
CA PRO A 691 22.88 22.41 0.73
C PRO A 691 22.70 23.47 -0.35
N PRO A 692 21.78 24.42 -0.14
CA PRO A 692 21.71 25.60 -0.98
C PRO A 692 23.07 26.28 -1.03
N LEU A 693 23.45 26.73 -2.23
CA LEU A 693 24.71 27.41 -2.44
C LEU A 693 24.78 28.64 -1.55
N GLY A 694 25.91 28.81 -0.87
CA GLY A 694 26.12 29.97 0.00
C GLY A 694 25.46 29.82 1.37
N SER A 695 24.80 28.69 1.63
CA SER A 695 24.18 28.49 2.94
C SER A 695 25.11 27.80 3.95
N LYS A 696 24.63 27.66 5.18
CA LYS A 696 25.33 26.89 6.22
C LYS A 696 24.66 25.52 6.43
N GLY A 697 23.79 25.12 5.51
CA GLY A 697 23.15 23.81 5.61
C GLY A 697 24.16 22.70 5.46
N ILE A 698 23.90 21.55 6.09
CA ILE A 698 24.85 20.44 6.05
C ILE A 698 24.55 19.47 4.90
N GLY A 699 23.42 19.68 4.22
CA GLY A 699 23.09 18.91 3.01
C GLY A 699 22.42 17.59 3.28
N GLY A 700 23.04 16.78 4.15
CA GLY A 700 22.58 15.43 4.44
C GLY A 700 23.27 14.84 5.67
N PHE A 701 22.73 13.73 6.18
CA PHE A 701 23.32 12.98 7.29
C PHE A 701 22.82 11.54 7.38
N TRP A 702 23.69 10.66 7.86
CA TRP A 702 23.33 9.28 8.21
C TRP A 702 23.50 9.09 9.71
N THR A 703 22.56 8.41 10.34
CA THR A 703 22.75 7.97 11.73
C THR A 703 23.13 6.48 11.78
N GLY A 704 22.73 5.73 10.76
CA GLY A 704 22.96 4.28 10.72
C GLY A 704 22.21 3.65 9.56
N LYS A 705 22.25 2.32 9.47
CA LYS A 705 21.51 1.63 8.40
C LYS A 705 20.04 2.05 8.38
N LYS A 706 19.52 2.24 7.18
CA LYS A 706 18.10 2.59 6.99
C LYS A 706 17.66 3.90 7.67
N ARG A 707 18.63 4.75 7.98
CA ARG A 707 18.33 5.97 8.73
C ARG A 707 19.19 7.15 8.27
N TYR A 708 18.60 7.98 7.42
CA TYR A 708 19.29 9.12 6.81
C TYR A 708 18.30 10.17 6.29
N ALA A 709 18.83 11.36 6.05
CA ALA A 709 18.07 12.50 5.53
C ALA A 709 18.93 13.26 4.51
N LEU A 710 18.31 13.68 3.42
CA LEU A 710 18.98 14.34 2.30
C LEU A 710 18.14 15.49 1.78
N ASN A 711 18.79 16.60 1.45
CA ASN A 711 18.16 17.74 0.78
C ASN A 711 18.33 17.53 -0.72
N VAL A 712 17.24 17.18 -1.38
CA VAL A 712 17.30 16.77 -2.77
C VAL A 712 16.79 17.84 -3.73
N TRP A 713 17.54 18.05 -4.80
CA TRP A 713 17.18 19.05 -5.80
C TRP A 713 16.67 18.42 -7.10
N ASP A 714 17.08 17.17 -7.35
CA ASP A 714 16.70 16.41 -8.52
C ASP A 714 16.55 14.95 -8.13
N MET A 715 15.39 14.37 -8.41
CA MET A 715 15.15 12.94 -8.17
C MET A 715 14.71 12.28 -9.46
N GLU A 716 15.55 11.38 -9.98
CA GLU A 716 15.32 10.64 -11.24
C GLU A 716 14.97 11.53 -12.43
N GLY A 717 15.57 12.72 -12.53
CA GLY A 717 15.27 13.61 -13.67
C GLY A 717 14.18 14.63 -13.39
N THR A 718 13.57 14.56 -12.21
CA THR A 718 12.69 15.65 -11.80
C THR A 718 13.46 16.75 -11.06
N ARG A 719 13.66 17.88 -11.73
CA ARG A 719 14.29 19.06 -11.10
C ARG A 719 13.20 19.84 -10.35
N TYR A 720 13.25 19.79 -9.01
CA TYR A 720 12.22 20.40 -8.18
C TYR A 720 12.27 21.93 -8.24
N ALA A 721 11.10 22.56 -8.15
CA ALA A 721 11.07 24.03 -8.01
C ALA A 721 11.66 24.45 -6.68
N GLU A 722 11.37 23.67 -5.64
CA GLU A 722 11.96 23.88 -4.30
C GLU A 722 12.60 22.57 -3.83
N PRO A 723 13.72 22.66 -3.06
CA PRO A 723 14.39 21.42 -2.61
C PRO A 723 13.44 20.53 -1.83
N LYS A 724 13.59 19.21 -1.98
CA LYS A 724 12.74 18.25 -1.27
C LYS A 724 13.56 17.45 -0.26
N LEU A 725 13.04 17.32 0.95
CA LEU A 725 13.71 16.48 1.93
C LEU A 725 13.35 15.04 1.62
N LYS A 726 14.38 14.25 1.35
CA LYS A 726 14.24 12.80 1.31
C LYS A 726 14.71 12.28 2.67
N ILE A 727 13.74 11.90 3.49
CA ILE A 727 14.03 11.41 4.82
C ILE A 727 13.55 9.98 4.88
N MET A 728 14.50 9.06 5.06
CA MET A 728 14.22 7.62 5.16
C MET A 728 14.42 7.09 6.59
N GLY A 729 13.43 6.36 7.11
CA GLY A 729 13.56 5.59 8.35
C GLY A 729 13.50 6.37 9.66
N LEU A 730 13.80 7.67 9.63
CA LEU A 730 13.74 8.52 10.82
C LEU A 730 12.30 8.72 11.30
N GLU A 731 12.16 9.28 12.50
CA GLU A 731 10.87 9.34 13.20
C GLU A 731 9.78 10.13 12.47
N THR A 732 10.21 11.11 11.68
CA THR A 732 9.30 11.83 10.79
C THR A 732 8.51 10.89 9.88
N GLN A 733 9.10 9.74 9.57
CA GLN A 733 8.49 8.82 8.60
C GLN A 733 7.58 7.80 9.25
N LYS A 734 7.60 7.73 10.58
CA LYS A 734 6.92 6.65 11.31
C LYS A 734 5.50 7.02 11.75
N SER A 735 4.55 6.13 11.54
CA SER A 735 3.17 6.39 11.94
C SER A 735 2.96 6.29 13.45
N SER A 736 3.97 5.79 14.17
CA SER A 736 3.93 5.69 15.64
C SER A 736 4.36 7.00 16.31
N THR A 737 5.02 7.86 15.56
CA THR A 737 5.46 9.17 16.03
C THR A 737 4.28 10.15 16.03
N PRO A 738 4.09 10.91 17.14
CA PRO A 738 3.01 11.90 17.20
C PRO A 738 2.98 12.86 16.01
N LYS A 739 1.78 13.28 15.63
CA LYS A 739 1.59 14.17 14.48
C LYS A 739 2.42 15.44 14.56
N ALA A 740 2.32 16.12 15.70
CA ALA A 740 3.01 17.40 15.92
C ALA A 740 4.53 17.23 15.90
N VAL A 741 4.98 16.08 16.39
CA VAL A 741 6.41 15.77 16.54
C VAL A 741 7.03 15.40 15.19
N GLN A 742 6.24 14.77 14.33
CA GLN A 742 6.65 14.50 12.95
C GLN A 742 6.98 15.82 12.26
N LYS A 743 6.08 16.78 12.39
CA LYS A 743 6.26 18.08 11.75
C LYS A 743 7.42 18.84 12.36
N ALA A 744 7.58 18.73 13.67
CA ALA A 744 8.61 19.48 14.38
C ALA A 744 9.97 18.96 13.98
N LEU A 745 10.11 17.63 14.00
CA LEU A 745 11.34 16.98 13.61
C LEU A 745 11.73 17.20 12.17
N LYS A 746 10.72 17.23 11.29
CA LYS A 746 10.98 17.52 9.89
C LYS A 746 11.54 18.93 9.70
N GLU A 747 11.02 19.87 10.46
CA GLU A 747 11.50 21.24 10.41
C GLU A 747 12.90 21.37 11.03
N CYS A 748 13.16 20.59 12.08
CA CYS A 748 14.51 20.49 12.65
C CYS A 748 15.49 20.05 11.57
N ILE A 749 15.12 18.97 10.88
CA ILE A 749 15.92 18.41 9.80
C ILE A 749 16.05 19.38 8.63
N ARG A 750 14.95 20.02 8.26
CA ARG A 750 15.00 21.02 7.17
C ARG A 750 16.08 22.08 7.46
N ARG A 751 16.01 22.67 8.65
CA ARG A 751 16.96 23.70 9.05
C ARG A 751 18.41 23.20 9.09
N MET A 752 18.64 22.02 9.68
CA MET A 752 19.96 21.37 9.60
C MET A 752 20.52 21.32 8.17
N LEU A 753 19.71 20.83 7.23
CA LEU A 753 20.19 20.52 5.89
C LEU A 753 20.27 21.74 4.99
N GLN A 754 19.38 22.71 5.24
CA GLN A 754 19.25 23.91 4.39
C GLN A 754 19.88 25.18 4.99
N GLU A 755 19.84 25.33 6.32
CA GLU A 755 20.15 26.62 6.95
C GLU A 755 21.26 26.57 7.99
N GLY A 756 21.36 25.46 8.70
CA GLY A 756 22.47 25.21 9.59
C GLY A 756 22.10 25.23 11.05
N GLU A 757 23.13 25.20 11.90
CA GLU A 757 22.99 24.96 13.33
C GLU A 757 22.30 26.04 14.16
N GLU A 758 22.65 27.31 13.91
CA GLU A 758 21.97 28.41 14.59
C GLU A 758 20.47 28.37 14.32
N SER A 759 20.10 28.10 13.07
CA SER A 759 18.70 28.01 12.68
C SER A 759 17.93 26.91 13.42
N LEU A 760 18.54 25.73 13.54
CA LEU A 760 18.03 24.60 14.33
C LEU A 760 17.77 25.06 15.75
N GLN A 761 18.83 25.58 16.37
CA GLN A 761 18.82 26.01 17.78
C GLN A 761 17.69 27.01 18.01
N GLU A 762 17.50 27.91 17.05
CA GLU A 762 16.41 28.88 17.13
C GLU A 762 15.05 28.16 17.13
N TYR A 763 14.90 27.16 16.26
CA TYR A 763 13.63 26.43 16.15
C TYR A 763 13.33 25.57 17.38
N PHE A 764 14.33 24.83 17.85
CA PHE A 764 14.17 23.96 19.01
C PHE A 764 13.48 24.71 20.16
N LYS A 765 14.05 25.85 20.54
CA LYS A 765 13.51 26.68 21.61
C LYS A 765 12.05 27.08 21.40
N GLU A 766 11.67 27.29 20.14
CA GLU A 766 10.31 27.70 19.80
C GLU A 766 9.33 26.56 20.03
N PHE A 767 9.70 25.36 19.59
CA PHE A 767 8.86 24.18 19.76
C PHE A 767 8.75 23.72 21.21
N GLU A 768 9.88 23.70 21.93
CA GLU A 768 9.88 23.37 23.36
C GLU A 768 8.99 24.34 24.17
N LYS A 769 8.93 25.60 23.73
CA LYS A 769 8.04 26.60 24.36
C LYS A 769 6.55 26.35 24.11
N GLU A 770 6.23 25.80 22.94
CA GLU A 770 4.83 25.63 22.51
C GLU A 770 4.25 24.27 22.85
N PHE A 771 5.11 23.27 23.04
CA PHE A 771 4.72 21.88 23.25
C PHE A 771 3.53 21.68 24.17
N ARG A 772 3.62 22.18 25.39
CA ARG A 772 2.58 22.00 26.41
C ARG A 772 1.21 22.50 25.98
N GLN A 773 1.19 23.46 25.05
CA GLN A 773 -0.06 24.05 24.57
C GLN A 773 -0.69 23.27 23.40
N LEU A 774 0.04 22.33 22.84
CA LEU A 774 -0.46 21.55 21.70
C LEU A 774 -1.55 20.55 22.13
N ASN A 775 -2.43 20.24 21.20
CA ASN A 775 -3.54 19.32 21.42
C ASN A 775 -3.08 17.90 21.74
N TYR A 776 -3.72 17.28 22.74
CA TYR A 776 -3.26 15.98 23.26
C TYR A 776 -3.13 14.86 22.22
N ILE A 777 -4.04 14.85 21.26
CA ILE A 777 -4.02 13.86 20.18
C ILE A 777 -2.79 14.03 19.27
N SER A 778 -2.51 15.28 18.90
CA SER A 778 -1.40 15.59 18.00
C SER A 778 -0.04 15.23 18.61
N ILE A 779 0.01 15.12 19.94
CA ILE A 779 1.26 14.80 20.65
C ILE A 779 1.28 13.37 21.22
N ALA A 780 0.21 12.62 20.98
CA ALA A 780 0.12 11.24 21.46
C ALA A 780 0.84 10.28 20.53
N SER A 781 1.48 9.27 21.11
CA SER A 781 2.12 8.21 20.33
C SER A 781 1.05 7.26 19.77
N VAL A 782 1.42 6.50 18.75
CA VAL A 782 0.51 5.53 18.13
C VAL A 782 1.17 4.15 18.10
N SER A 783 0.37 3.11 18.26
CA SER A 783 0.89 1.74 18.16
C SER A 783 -0.22 0.77 17.80
N SER A 784 0.07 -0.18 16.92
CA SER A 784 -0.81 -1.32 16.74
C SER A 784 -0.78 -2.13 18.03
N ALA A 785 -1.90 -2.78 18.35
CA ALA A 785 -2.00 -3.62 19.54
C ALA A 785 -2.37 -5.06 19.16
N ASN A 786 -1.39 -5.94 19.23
CA ASN A 786 -1.62 -7.35 18.99
C ASN A 786 -1.50 -8.15 20.27
N ASN A 787 -2.13 -9.32 20.30
CA ASN A 787 -2.02 -10.28 21.41
C ASN A 787 -2.28 -9.68 22.80
N ILE A 788 -3.34 -8.90 22.93
CA ILE A 788 -3.71 -8.27 24.21
C ILE A 788 -4.02 -9.32 25.27
N ALA A 789 -4.80 -10.33 24.89
CA ALA A 789 -5.15 -11.45 25.78
C ALA A 789 -3.94 -12.16 26.38
N LYS A 790 -2.86 -12.22 25.61
CA LYS A 790 -1.62 -12.89 26.02
C LYS A 790 -1.01 -12.27 27.27
N TYR A 791 -1.07 -10.94 27.37
CA TYR A 791 -0.47 -10.24 28.51
C TYR A 791 -1.52 -9.73 29.50
N ASP A 792 -2.78 -10.07 29.27
CA ASP A 792 -3.85 -9.80 30.23
C ASP A 792 -3.89 -10.91 31.29
N VAL A 793 -3.41 -10.59 32.49
CA VAL A 793 -3.44 -11.53 33.62
C VAL A 793 -4.42 -11.02 34.68
N GLY A 794 -4.65 -9.71 34.67
CA GLY A 794 -5.51 -9.07 35.66
C GLY A 794 -7.01 -9.09 35.41
N GLY A 795 -7.54 -8.27 34.50
CA GLY A 795 -6.79 -7.44 33.54
C GLY A 795 -5.82 -6.39 34.06
N PHE A 796 -4.68 -6.88 34.55
CA PHE A 796 -3.54 -6.05 34.88
C PHE A 796 -2.38 -6.53 34.02
N PRO A 797 -1.34 -5.68 33.82
CA PRO A 797 -0.25 -6.07 32.92
C PRO A 797 0.50 -7.31 33.40
N GLY A 798 0.67 -8.27 32.50
CA GLY A 798 1.38 -9.51 32.79
C GLY A 798 2.89 -9.39 32.66
N PRO A 799 3.61 -10.50 32.81
CA PRO A 799 5.08 -10.53 32.67
C PRO A 799 5.53 -10.14 31.25
N LYS A 800 6.43 -9.16 31.17
CA LYS A 800 6.93 -8.62 29.89
C LYS A 800 5.86 -7.91 29.06
N CYS A 801 4.87 -7.32 29.72
CA CYS A 801 3.79 -6.64 29.02
C CYS A 801 4.32 -5.44 28.23
N PRO A 802 4.07 -5.40 26.91
CA PRO A 802 4.45 -4.25 26.08
C PRO A 802 3.81 -2.97 26.60
N PHE A 803 4.54 -1.87 26.52
CA PHE A 803 4.15 -0.60 27.11
C PHE A 803 2.76 -0.18 26.64
N HIS A 804 2.52 -0.26 25.34
CA HIS A 804 1.21 0.08 24.77
C HIS A 804 0.10 -0.89 25.20
N ILE A 805 0.41 -2.17 25.30
CA ILE A 805 -0.54 -3.17 25.82
C ILE A 805 -0.86 -2.93 27.31
N ARG A 806 0.10 -2.37 28.05
CA ARG A 806 -0.16 -1.91 29.41
C ARG A 806 -1.17 -0.77 29.41
N GLY A 807 -0.94 0.21 28.54
CA GLY A 807 -1.87 1.32 28.32
C GLY A 807 -3.30 0.87 28.07
N ILE A 808 -3.45 -0.20 27.29
CA ILE A 808 -4.78 -0.72 26.94
C ILE A 808 -5.49 -1.34 28.14
N LEU A 809 -4.72 -2.03 28.99
CA LEU A 809 -5.28 -2.64 30.18
C LEU A 809 -5.64 -1.58 31.21
N THR A 810 -4.86 -0.50 31.25
CA THR A 810 -5.15 0.63 32.13
C THR A 810 -6.44 1.30 31.67
N TYR A 811 -6.64 1.31 30.36
CA TYR A 811 -7.85 1.84 29.76
C TYR A 811 -9.07 0.99 30.15
N ASN A 812 -8.98 -0.32 29.92
CA ASN A 812 -10.07 -1.24 30.25
C ASN A 812 -10.56 -1.13 31.71
N ARG A 813 -9.63 -0.82 32.63
CA ARG A 813 -9.99 -0.56 34.03
C ARG A 813 -10.19 0.95 34.24
N ALA A 814 -11.24 1.49 33.65
CA ALA A 814 -11.62 2.90 33.78
C ALA A 814 -12.95 3.07 33.07
N ILE A 815 -13.15 2.26 32.03
CA ILE A 815 -14.36 2.27 31.24
C ILE A 815 -15.13 0.94 31.40
N LYS A 816 -15.08 0.40 32.62
CA LYS A 816 -15.70 -0.87 32.97
C LYS A 816 -17.22 -0.92 32.74
N GLY A 817 -17.95 -0.09 33.48
CA GLY A 817 -19.41 -0.05 33.39
C GLY A 817 -19.92 0.90 32.31
N ASN A 818 -19.04 1.81 31.88
CA ASN A 818 -19.35 2.78 30.84
C ASN A 818 -19.85 2.09 29.57
N ILE A 819 -21.14 2.22 29.30
CA ILE A 819 -21.75 1.59 28.14
C ILE A 819 -21.45 2.35 26.83
N ASP A 820 -21.17 3.64 26.94
CA ASP A 820 -20.91 4.49 25.76
C ASP A 820 -19.42 4.74 25.51
N ALA A 821 -18.58 3.82 25.96
CA ALA A 821 -17.13 3.92 25.76
C ALA A 821 -16.65 3.02 24.62
N PRO A 822 -15.76 3.54 23.75
CA PRO A 822 -15.28 2.73 22.64
C PRO A 822 -14.28 1.68 23.13
N GLN A 823 -14.41 0.46 22.61
CA GLN A 823 -13.54 -0.65 23.00
C GLN A 823 -12.32 -0.76 22.08
N VAL A 824 -11.15 -0.97 22.67
CA VAL A 824 -9.94 -1.32 21.93
C VAL A 824 -10.23 -2.63 21.18
N VAL A 825 -9.89 -2.67 19.91
CA VAL A 825 -10.14 -3.83 19.06
C VAL A 825 -8.79 -4.51 18.72
N GLU A 826 -8.70 -5.80 19.02
CA GLU A 826 -7.48 -6.58 18.79
C GLU A 826 -6.98 -6.41 17.35
N GLY A 827 -5.72 -5.98 17.22
CA GLY A 827 -5.11 -5.74 15.90
C GLY A 827 -5.14 -4.29 15.44
N GLU A 828 -6.06 -3.50 15.98
CA GLU A 828 -6.21 -2.11 15.57
C GLU A 828 -5.21 -1.22 16.29
N LYS A 829 -5.19 0.06 15.91
CA LYS A 829 -4.20 0.98 16.45
C LYS A 829 -4.73 1.79 17.63
N VAL A 830 -3.80 2.20 18.51
CA VAL A 830 -4.15 3.01 19.67
C VAL A 830 -3.21 4.19 19.86
N TYR A 831 -3.77 5.31 20.32
CA TYR A 831 -2.97 6.41 20.86
C TYR A 831 -2.47 6.01 22.25
N VAL A 832 -1.27 6.46 22.62
CA VAL A 832 -0.66 6.11 23.91
C VAL A 832 -0.03 7.32 24.61
N LEU A 833 -0.41 7.55 25.87
CA LEU A 833 0.11 8.68 26.66
C LEU A 833 0.70 8.26 28.01
N PRO A 834 1.88 8.79 28.36
CA PRO A 834 2.46 8.58 29.69
C PRO A 834 1.72 9.39 30.75
N LEU A 835 1.63 8.84 31.96
CA LEU A 835 0.94 9.48 33.07
C LEU A 835 1.91 9.76 34.22
N ARG A 836 1.76 10.92 34.86
CA ARG A 836 2.59 11.29 36.02
C ARG A 836 2.28 10.39 37.19
N GLU A 837 3.34 9.91 37.84
CA GLU A 837 3.20 9.07 39.04
C GLU A 837 2.25 9.70 40.06
N GLY A 838 1.42 8.87 40.67
CA GLY A 838 0.39 9.31 41.62
C GLY A 838 -0.98 9.46 40.99
N ASN A 839 -1.05 9.29 39.68
CA ASN A 839 -2.29 9.43 38.90
C ASN A 839 -3.37 8.43 39.34
N PRO A 840 -4.66 8.76 39.08
CA PRO A 840 -5.75 7.93 39.60
C PRO A 840 -5.96 6.65 38.79
N PHE A 841 -5.34 6.56 37.62
CA PHE A 841 -5.45 5.39 36.76
C PHE A 841 -4.61 4.21 37.28
N GLY A 842 -3.64 4.52 38.13
CA GLY A 842 -2.82 3.51 38.80
C GLY A 842 -1.79 2.84 37.92
N ASP A 843 -1.45 3.48 36.80
CA ASP A 843 -0.38 2.98 35.93
C ASP A 843 0.27 4.10 35.12
N LYS A 844 1.43 3.82 34.55
CA LYS A 844 2.29 4.85 33.95
C LYS A 844 1.91 5.27 32.52
N CYS A 845 0.83 4.70 31.99
CA CYS A 845 0.35 5.04 30.65
C CYS A 845 -1.11 4.65 30.38
N ILE A 846 -1.73 5.35 29.45
CA ILE A 846 -3.08 5.03 28.98
C ILE A 846 -3.14 5.01 27.46
N ALA A 847 -3.80 3.98 26.92
CA ALA A 847 -3.98 3.84 25.49
C ALA A 847 -5.47 3.74 25.16
N TRP A 848 -5.85 4.26 23.99
CA TRP A 848 -7.25 4.24 23.56
C TRP A 848 -7.32 4.23 22.03
N PRO A 849 -8.41 3.67 21.45
CA PRO A 849 -8.50 3.52 20.00
C PRO A 849 -8.10 4.79 19.25
N SER A 850 -7.19 4.64 18.28
CA SER A 850 -6.68 5.75 17.50
C SER A 850 -7.78 6.31 16.60
N GLY A 851 -7.65 7.58 16.24
CA GLY A 851 -8.61 8.24 15.36
C GLY A 851 -9.86 8.72 16.08
N THR A 852 -9.91 8.50 17.39
CA THR A 852 -11.03 8.94 18.20
C THR A 852 -10.58 9.75 19.41
N GLU A 853 -11.44 10.66 19.85
CA GLU A 853 -11.28 11.36 21.12
C GLU A 853 -11.50 10.35 22.23
N ILE A 854 -10.76 10.51 23.33
CA ILE A 854 -10.94 9.69 24.52
C ILE A 854 -12.22 10.13 25.26
N THR A 855 -12.94 9.16 25.81
CA THR A 855 -14.28 9.38 26.40
C THR A 855 -14.37 10.53 27.43
N ASP A 856 -15.46 11.30 27.33
CA ASP A 856 -15.74 12.47 28.17
C ASP A 856 -15.47 12.26 29.67
N LEU A 857 -15.91 11.11 30.19
CA LEU A 857 -15.83 10.80 31.61
C LEU A 857 -14.41 10.71 32.17
N ILE A 858 -13.46 10.32 31.33
CA ILE A 858 -12.07 10.15 31.74
C ILE A 858 -11.10 11.10 31.02
N LYS A 859 -11.61 11.83 30.04
CA LYS A 859 -10.80 12.74 29.24
C LYS A 859 -10.05 13.78 30.07
N ASP A 860 -10.76 14.46 30.97
CA ASP A 860 -10.18 15.56 31.75
C ASP A 860 -9.09 15.10 32.71
N ASP A 861 -9.16 13.84 33.14
CA ASP A 861 -8.18 13.27 34.07
C ASP A 861 -6.91 12.81 33.36
N VAL A 862 -7.05 12.46 32.08
CA VAL A 862 -5.89 12.16 31.24
C VAL A 862 -5.09 13.45 31.02
N LEU A 863 -5.79 14.52 30.67
CA LEU A 863 -5.20 15.84 30.42
C LEU A 863 -4.46 16.43 31.63
N HIS A 864 -5.01 16.22 32.83
CA HIS A 864 -4.41 16.78 34.05
C HIS A 864 -3.21 15.95 34.54
N TRP A 865 -3.21 14.67 34.18
CA TRP A 865 -2.16 13.75 34.64
C TRP A 865 -1.18 13.33 33.55
N MET A 866 -1.33 13.93 32.37
CA MET A 866 -0.37 13.78 31.26
C MET A 866 1.02 14.19 31.72
N ASP A 867 2.03 13.41 31.34
CA ASP A 867 3.41 13.75 31.66
C ASP A 867 4.10 14.30 30.44
N TYR A 868 3.99 15.62 30.26
CA TYR A 868 4.58 16.32 29.11
C TYR A 868 6.10 16.16 29.08
N THR A 869 6.74 16.24 30.24
CA THR A 869 8.19 16.11 30.33
C THR A 869 8.67 14.79 29.74
N VAL A 870 8.11 13.68 30.21
CA VAL A 870 8.47 12.33 29.72
C VAL A 870 8.07 12.14 28.26
N LEU A 871 6.95 12.75 27.88
CA LEU A 871 6.46 12.69 26.50
C LEU A 871 7.38 13.45 25.55
N LEU A 872 7.75 14.68 25.92
CA LEU A 872 8.66 15.48 25.10
C LEU A 872 10.03 14.82 24.97
N GLU A 873 10.54 14.27 26.07
CA GLU A 873 11.84 13.59 26.05
C GLU A 873 11.81 12.37 25.10
N LYS A 874 10.79 11.52 25.24
CA LYS A 874 10.62 10.30 24.44
C LYS A 874 10.49 10.51 22.94
N THR A 875 9.63 11.45 22.55
CA THR A 875 9.19 11.51 21.15
C THR A 875 9.90 12.57 20.33
N PHE A 876 10.38 13.62 20.97
CA PHE A 876 11.03 14.71 20.26
C PHE A 876 12.54 14.80 20.55
N ILE A 877 12.90 14.92 21.82
CA ILE A 877 14.30 15.19 22.20
C ILE A 877 15.24 14.02 21.88
N LYS A 878 14.84 12.82 22.28
CA LYS A 878 15.67 11.64 22.07
C LYS A 878 15.98 11.38 20.59
N PRO A 879 14.95 11.31 19.71
CA PRO A 879 15.28 11.20 18.29
C PRO A 879 16.17 12.34 17.78
N LEU A 880 15.85 13.58 18.17
CA LEU A 880 16.62 14.73 17.70
C LEU A 880 18.09 14.67 18.15
N GLU A 881 18.32 14.17 19.35
CA GLU A 881 19.67 13.97 19.87
C GLU A 881 20.39 12.97 18.97
N GLY A 882 19.66 11.97 18.50
CA GLY A 882 20.19 11.02 17.51
C GLY A 882 20.60 11.69 16.20
N PHE A 883 19.74 12.56 15.66
CA PHE A 883 20.05 13.19 14.38
C PHE A 883 21.28 14.11 14.53
N THR A 884 21.25 14.95 15.56
CA THR A 884 22.22 16.03 15.73
C THR A 884 23.64 15.54 16.05
N SER A 885 23.73 14.52 16.91
CA SER A 885 25.02 13.91 17.23
C SER A 885 25.63 13.16 16.03
N ALA A 886 24.79 12.51 15.22
CA ALA A 886 25.31 11.90 14.00
C ALA A 886 25.85 12.98 13.08
N ALA A 887 25.11 14.07 12.94
CA ALA A 887 25.49 15.20 12.11
C ALA A 887 26.58 16.11 12.74
N LYS A 888 26.92 15.86 14.00
CA LYS A 888 27.95 16.65 14.71
C LYS A 888 27.50 18.11 14.86
N LEU A 889 26.26 18.29 15.30
CA LEU A 889 25.64 19.60 15.53
C LEU A 889 25.02 19.55 16.91
N ASP A 890 24.72 20.71 17.47
CA ASP A 890 23.92 20.81 18.70
C ASP A 890 22.58 21.50 18.43
N TYR A 891 21.53 20.98 19.06
CA TYR A 891 20.21 21.60 19.01
C TYR A 891 20.07 22.62 20.15
N GLU A 892 20.97 22.53 21.13
CA GLU A 892 21.02 23.41 22.30
C GLU A 892 22.45 23.83 22.57
N LYS A 893 22.59 25.00 23.18
CA LYS A 893 23.90 25.47 23.65
C LYS A 893 24.17 25.04 25.09
N LYS A 894 25.44 24.72 25.35
CA LYS A 894 26.06 24.75 26.70
C LYS A 894 25.19 24.25 27.87
N ALA A 895 25.28 25.00 28.96
CA ALA A 895 24.48 24.86 30.17
C ALA A 895 24.55 26.20 30.93
N SER A 896 25.66 26.56 31.61
CA SER A 896 26.75 25.69 32.08
C SER A 896 27.29 26.33 33.34
N LEU A 897 27.35 27.67 33.32
CA LEU A 897 27.68 28.47 34.50
C LEU A 897 26.80 29.73 34.54
N PHE A 898 27.02 30.63 33.59
CA PHE A 898 26.20 31.85 33.45
C PHE A 898 25.64 31.93 32.01
N ASP A 899 24.39 32.35 31.80
CA ASP A 899 23.41 32.92 32.78
C ASP A 899 23.49 34.45 32.85
N MET A 900 24.58 34.97 33.43
CA MET A 900 24.92 36.40 33.38
C MET A 900 23.98 37.29 34.20
N PHE A 901 22.67 37.10 33.99
CA PHE A 901 21.58 37.92 34.55
C PHE A 901 21.63 39.37 34.06
N ASP A 902 20.48 40.04 34.11
CA ASP A 902 20.34 41.39 33.54
C ASP A 902 19.69 42.39 34.49
N PHE A 903 18.52 42.03 35.04
CA PHE A 903 17.77 42.87 35.99
C PHE A 903 17.62 44.32 35.53
#